data_8XW7
#
_entry.id   8XW7
#
_cell.length_a   123.184
_cell.length_b   255.539
_cell.length_c   88.133
_cell.angle_alpha   90.00
_cell.angle_beta   90.00
_cell.angle_gamma   90.00
#
_symmetry.space_group_name_H-M   'C 2 2 21'
#
loop_
_entity.id
_entity.type
_entity.pdbx_description
1 polymer 'Pyruvate kinase'
2 non-polymer 'MAGNESIUM ION'
3 non-polymer 'POTASSIUM ION'
4 non-polymer 1,6-di-O-phosphono-beta-D-fructofuranose
5 non-polymer 'OXALATE ION'
6 non-polymer "ADENOSINE-5'-DIPHOSPHATE"
7 non-polymer GLYCEROL
8 water water
#
_entity_poly.entity_id   1
_entity_poly.type   'polypeptide(L)'
_entity_poly.pdbx_seq_one_letter_code
;MGSSHHHHHHSSGLVPRGSHMNKRVKIVATLGPAVEIRGGKKFGEDGYWGEKLDVEASAKNIAKLIEAGANTFRFNFSHG
DHQEQGERMATVKLAEKIAGKKVGFLLDTKGPEIRTELFEGEAKEYSYKTGEKIRVATKQGIKSTREVIALNVAGALDIY
DDVEVGRQVLVDDGKLGLRVVAKDDATREFEVEVENDGIIAKQKGVNIPNTKIPFPALAERDNDDIRFGLEQGINFIAIS
FVRTAKDVNEVRAICEETGNGHVQLFAKIENQQGIDNLDEIIEAADGIMIARGDMGIEVPFEMVPVYQKMIIKKVNAAGK
VVITATNMLETMTEKPRATRSEVSDVFNAVIDGTDATMLSGESANGKYPLESVTTMATIDKNAQALLNEYGRLDSDSFER
NSKTEVMASAVKDATSSMDIKLVVTLTKTGHTARLISKYRPNADILALTFDELTERGLMLNWGVIPMLTDAPSSTDDMFE
IAERKAVEAGLVESGDDIVIVAGVPVGEAVRTNTMRIRTVR
;
_entity_poly.pdbx_strand_id   A,B
#
# COMPACT_ATOMS: atom_id res chain seq x y z
N MET A 21 -14.61 10.71 18.15
CA MET A 21 -14.18 11.00 16.75
C MET A 21 -15.01 10.16 15.77
N ASN A 22 -15.81 10.82 14.91
CA ASN A 22 -16.64 10.17 13.87
C ASN A 22 -15.79 9.89 12.63
N LYS A 23 -15.98 8.73 12.00
CA LYS A 23 -15.23 8.32 10.79
C LYS A 23 -15.87 8.99 9.58
N ARG A 24 -15.20 9.97 8.98
CA ARG A 24 -15.73 10.74 7.81
C ARG A 24 -15.61 9.93 6.52
N VAL A 25 -14.53 9.17 6.38
CA VAL A 25 -14.32 8.28 5.20
C VAL A 25 -15.20 7.04 5.31
N LYS A 26 -15.99 6.78 4.27
CA LYS A 26 -16.99 5.71 4.31
C LYS A 26 -16.35 4.39 3.92
N ILE A 27 -16.92 3.29 4.44
CA ILE A 27 -16.45 1.90 4.15
C ILE A 27 -17.56 1.17 3.40
N VAL A 28 -17.23 0.60 2.24
CA VAL A 28 -18.03 -0.45 1.55
C VAL A 28 -17.41 -1.81 1.94
N ALA A 29 -18.18 -2.70 2.54
CA ALA A 29 -17.76 -4.10 2.85
C ALA A 29 -18.51 -5.05 1.94
N THR A 30 -17.81 -5.88 1.19
CA THR A 30 -18.42 -6.96 0.39
C THR A 30 -18.85 -8.07 1.33
N LEU A 31 -20.11 -8.48 1.25
CA LEU A 31 -20.61 -9.65 2.03
C LEU A 31 -20.51 -10.91 1.19
N GLY A 32 -20.30 -12.01 1.89
CA GLY A 32 -20.23 -13.36 1.33
C GLY A 32 -20.38 -14.39 2.45
N PRO A 33 -19.95 -15.63 2.23
CA PRO A 33 -20.09 -16.66 3.27
C PRO A 33 -19.35 -16.38 4.60
N ALA A 34 -18.34 -15.53 4.60
CA ALA A 34 -17.41 -15.37 5.75
C ALA A 34 -18.16 -14.96 7.03
N VAL A 35 -19.26 -14.22 6.92
CA VAL A 35 -20.03 -13.75 8.12
C VAL A 35 -21.18 -14.73 8.38
N GLU A 36 -21.41 -15.66 7.46
CA GLU A 36 -22.64 -16.48 7.43
C GLU A 36 -22.42 -17.73 8.28
N ILE A 37 -23.32 -17.96 9.25
CA ILE A 37 -23.40 -19.22 10.05
C ILE A 37 -24.37 -20.17 9.33
N ARG A 38 -23.94 -21.41 9.13
CA ARG A 38 -24.81 -22.44 8.50
C ARG A 38 -24.93 -23.59 9.51
N GLY A 39 -26.13 -23.83 10.03
CA GLY A 39 -26.30 -24.93 10.99
C GLY A 39 -25.31 -24.83 12.13
N GLY A 40 -25.08 -23.63 12.66
CA GLY A 40 -24.13 -23.50 13.77
C GLY A 40 -22.70 -23.67 13.31
N LYS A 41 -22.46 -23.67 12.00
CA LYS A 41 -21.07 -23.83 11.51
C LYS A 41 -20.54 -22.53 10.91
N LYS A 42 -19.36 -22.09 11.36
CA LYS A 42 -18.61 -20.91 10.83
C LYS A 42 -17.93 -21.27 9.50
N PHE A 43 -17.40 -20.27 8.79
CA PHE A 43 -16.97 -20.36 7.36
C PHE A 43 -15.72 -21.24 7.23
N GLY A 44 -15.73 -22.25 6.34
CA GLY A 44 -14.61 -23.19 6.17
C GLY A 44 -14.42 -24.11 7.38
N GLU A 45 -15.50 -24.51 8.04
CA GLU A 45 -15.59 -25.74 8.88
C GLU A 45 -16.31 -26.81 8.04
N ASP A 46 -16.05 -28.10 8.30
CA ASP A 46 -16.52 -29.22 7.45
C ASP A 46 -18.05 -29.29 7.43
N GLY A 47 -18.60 -29.59 6.25
CA GLY A 47 -20.05 -29.75 6.01
C GLY A 47 -20.78 -28.43 6.10
N TYR A 48 -20.05 -27.33 6.33
CA TYR A 48 -20.56 -25.92 6.32
C TYR A 48 -21.61 -25.83 5.21
N TRP A 49 -21.25 -26.21 3.98
CA TRP A 49 -22.11 -26.11 2.77
C TRP A 49 -23.29 -27.07 2.88
N GLY A 50 -23.09 -28.19 3.60
CA GLY A 50 -24.13 -29.18 3.95
C GLY A 50 -25.33 -28.55 4.64
N GLU A 51 -25.12 -27.56 5.51
CA GLU A 51 -26.16 -27.01 6.44
C GLU A 51 -26.98 -25.89 5.79
N LYS A 52 -28.08 -25.51 6.43
CA LYS A 52 -28.94 -24.37 6.01
C LYS A 52 -28.46 -23.11 6.74
N LEU A 53 -28.76 -21.95 6.15
CA LEU A 53 -28.37 -20.61 6.65
C LEU A 53 -29.08 -20.32 7.98
N ASP A 54 -28.31 -20.07 9.03
CA ASP A 54 -28.84 -19.51 10.32
C ASP A 54 -28.93 -17.99 10.11
N VAL A 55 -30.10 -17.50 9.68
CA VAL A 55 -30.41 -16.07 9.35
C VAL A 55 -30.15 -15.19 10.56
N GLU A 56 -30.65 -15.56 11.73
CA GLU A 56 -30.57 -14.69 12.93
C GLU A 56 -29.10 -14.57 13.37
N ALA A 57 -28.34 -15.67 13.31
CA ALA A 57 -26.95 -15.71 13.82
C ALA A 57 -26.04 -15.00 12.81
N SER A 58 -26.32 -15.13 11.51
CA SER A 58 -25.64 -14.45 10.38
C SER A 58 -25.90 -12.94 10.45
N ALA A 59 -27.15 -12.54 10.66
CA ALA A 59 -27.58 -11.15 10.80
C ALA A 59 -26.89 -10.50 12.00
N LYS A 60 -26.57 -11.29 13.01
CA LYS A 60 -25.91 -10.82 14.25
C LYS A 60 -24.44 -10.53 13.95
N ASN A 61 -23.79 -11.39 13.16
CA ASN A 61 -22.39 -11.15 12.68
C ASN A 61 -22.36 -9.84 11.89
N ILE A 62 -23.31 -9.67 11.00
CA ILE A 62 -23.37 -8.53 10.05
C ILE A 62 -23.60 -7.27 10.86
N ALA A 63 -24.37 -7.36 11.94
CA ALA A 63 -24.66 -6.21 12.80
C ALA A 63 -23.35 -5.71 13.40
N LYS A 64 -22.40 -6.62 13.68
CA LYS A 64 -21.10 -6.22 14.26
C LYS A 64 -20.30 -5.41 13.22
N LEU A 65 -20.38 -5.74 11.92
CA LEU A 65 -19.62 -4.99 10.89
C LEU A 65 -20.24 -3.59 10.78
N ILE A 66 -21.57 -3.46 10.88
CA ILE A 66 -22.29 -2.15 10.90
C ILE A 66 -21.75 -1.37 12.09
N GLU A 67 -21.64 -1.99 13.27
CA GLU A 67 -21.19 -1.29 14.51
C GLU A 67 -19.74 -0.87 14.31
N ALA A 68 -18.90 -1.66 13.65
CA ALA A 68 -17.47 -1.33 13.48
C ALA A 68 -17.26 -0.22 12.41
N GLY A 69 -18.27 0.09 11.59
CA GLY A 69 -18.29 1.29 10.71
C GLY A 69 -18.41 0.99 9.23
N ALA A 70 -18.92 -0.17 8.83
CA ALA A 70 -19.35 -0.43 7.43
C ALA A 70 -20.59 0.42 7.16
N ASN A 71 -20.53 1.27 6.16
CA ASN A 71 -21.60 2.24 5.82
C ASN A 71 -22.47 1.67 4.68
N THR A 72 -21.95 0.72 3.91
CA THR A 72 -22.66 0.13 2.75
C THR A 72 -22.13 -1.29 2.53
N PHE A 73 -23.03 -2.25 2.30
CA PHE A 73 -22.65 -3.63 1.93
C PHE A 73 -22.73 -3.79 0.41
N ARG A 74 -21.69 -4.43 -0.15
CA ARG A 74 -21.59 -4.78 -1.58
C ARG A 74 -22.04 -6.24 -1.78
N PHE A 75 -22.94 -6.41 -2.75
CA PHE A 75 -23.46 -7.70 -3.23
C PHE A 75 -22.98 -7.87 -4.66
N ASN A 76 -21.98 -8.73 -4.81
CA ASN A 76 -21.27 -8.97 -6.08
C ASN A 76 -22.04 -10.08 -6.80
N PHE A 77 -22.70 -9.74 -7.90
CA PHE A 77 -23.53 -10.70 -8.66
C PHE A 77 -22.66 -11.56 -9.57
N SER A 78 -21.34 -11.36 -9.60
CA SER A 78 -20.40 -12.27 -10.31
C SER A 78 -20.30 -13.63 -9.60
N HIS A 79 -20.71 -13.68 -8.33
CA HIS A 79 -20.66 -14.85 -7.42
C HIS A 79 -22.05 -15.19 -6.89
N GLY A 80 -22.47 -16.44 -7.05
CA GLY A 80 -23.73 -16.97 -6.46
C GLY A 80 -24.89 -16.78 -7.42
N ASP A 81 -26.10 -17.09 -6.99
CA ASP A 81 -27.31 -16.96 -7.83
C ASP A 81 -28.27 -15.98 -7.14
N HIS A 82 -29.41 -15.71 -7.76
CA HIS A 82 -30.40 -14.73 -7.24
C HIS A 82 -30.81 -15.14 -5.83
N GLN A 83 -30.96 -16.43 -5.59
CA GLN A 83 -31.51 -16.95 -4.32
C GLN A 83 -30.53 -16.57 -3.18
N GLU A 84 -29.23 -16.77 -3.38
CA GLU A 84 -28.18 -16.51 -2.39
C GLU A 84 -28.10 -14.99 -2.16
N GLN A 85 -28.17 -14.21 -3.24
CA GLN A 85 -28.08 -12.72 -3.18
C GLN A 85 -29.27 -12.18 -2.38
N GLY A 86 -30.48 -12.67 -2.69
CA GLY A 86 -31.77 -12.27 -2.06
C GLY A 86 -31.82 -12.62 -0.58
N GLU A 87 -31.41 -13.83 -0.23
CA GLU A 87 -31.31 -14.26 1.18
C GLU A 87 -30.30 -13.37 1.92
N ARG A 88 -29.15 -13.09 1.29
CA ARG A 88 -28.08 -12.27 1.95
C ARG A 88 -28.63 -10.86 2.20
N MET A 89 -29.37 -10.29 1.25
CA MET A 89 -29.91 -8.90 1.43
C MET A 89 -30.94 -8.90 2.56
N ALA A 90 -31.75 -9.94 2.67
CA ALA A 90 -32.73 -10.09 3.76
C ALA A 90 -31.97 -10.22 5.08
N THR A 91 -30.90 -10.99 5.14
CA THR A 91 -30.10 -11.08 6.40
C THR A 91 -29.59 -9.69 6.78
N VAL A 92 -29.13 -8.89 5.83
CA VAL A 92 -28.64 -7.52 6.16
C VAL A 92 -29.80 -6.68 6.72
N LYS A 93 -31.00 -6.74 6.13
CA LYS A 93 -32.15 -5.94 6.63
C LYS A 93 -32.41 -6.25 8.11
N LEU A 94 -32.20 -7.51 8.52
CA LEU A 94 -32.36 -7.96 9.93
C LEU A 94 -31.23 -7.38 10.76
N ALA A 95 -30.00 -7.44 10.23
CA ALA A 95 -28.79 -6.90 10.90
C ALA A 95 -29.00 -5.42 11.24
N GLU A 96 -29.66 -4.65 10.36
CA GLU A 96 -29.91 -3.20 10.59
C GLU A 96 -30.82 -3.03 11.80
N LYS A 97 -31.84 -3.89 11.93
CA LYS A 97 -32.78 -3.86 13.08
C LYS A 97 -32.02 -4.24 14.34
N ILE A 98 -31.13 -5.24 14.29
CA ILE A 98 -30.34 -5.65 15.49
C ILE A 98 -29.36 -4.53 15.87
N ALA A 99 -28.71 -3.86 14.91
CA ALA A 99 -27.68 -2.83 15.20
C ALA A 99 -28.37 -1.51 15.56
N GLY A 100 -29.61 -1.31 15.14
CA GLY A 100 -30.31 -0.02 15.23
C GLY A 100 -29.65 1.05 14.35
N LYS A 101 -28.98 0.65 13.27
CA LYS A 101 -28.26 1.59 12.35
C LYS A 101 -28.54 1.11 10.93
N LYS A 102 -28.87 2.03 10.03
CA LYS A 102 -29.13 1.68 8.63
C LYS A 102 -27.80 1.72 7.85
N VAL A 103 -27.70 0.93 6.79
CA VAL A 103 -26.53 0.91 5.89
C VAL A 103 -27.07 1.02 4.46
N GLY A 104 -26.20 1.36 3.51
CA GLY A 104 -26.56 1.33 2.10
C GLY A 104 -26.47 -0.07 1.54
N PHE A 105 -27.16 -0.31 0.43
CA PHE A 105 -27.20 -1.59 -0.30
C PHE A 105 -26.65 -1.31 -1.69
N LEU A 106 -25.50 -1.91 -2.03
CA LEU A 106 -24.81 -1.74 -3.32
C LEU A 106 -24.78 -3.07 -4.07
N LEU A 107 -25.29 -3.07 -5.30
CA LEU A 107 -25.21 -4.22 -6.25
C LEU A 107 -24.09 -3.97 -7.24
N ASP A 108 -23.20 -4.96 -7.41
CA ASP A 108 -22.06 -4.94 -8.35
C ASP A 108 -22.42 -5.92 -9.48
N THR A 109 -22.51 -5.39 -10.70
CA THR A 109 -22.91 -6.14 -11.91
C THR A 109 -21.73 -6.98 -12.42
N LYS A 110 -21.99 -8.01 -13.20
CA LYS A 110 -20.96 -8.79 -13.94
C LYS A 110 -20.27 -7.90 -14.97
N GLY A 111 -21.03 -7.22 -15.82
CA GLY A 111 -20.49 -6.38 -16.91
C GLY A 111 -19.99 -7.22 -18.09
N PRO A 112 -19.41 -6.55 -19.10
CA PRO A 112 -18.83 -7.21 -20.28
C PRO A 112 -17.53 -7.90 -19.87
N GLU A 113 -17.63 -9.03 -19.20
CA GLU A 113 -16.49 -9.69 -18.56
C GLU A 113 -16.53 -11.17 -18.94
N ILE A 114 -15.41 -11.84 -18.66
CA ILE A 114 -15.21 -13.31 -18.71
C ILE A 114 -15.03 -13.80 -17.27
N ARG A 115 -15.69 -14.89 -16.93
CA ARG A 115 -15.49 -15.56 -15.63
C ARG A 115 -15.25 -17.03 -15.90
N THR A 116 -14.50 -17.69 -15.02
CA THR A 116 -14.41 -19.18 -15.05
C THR A 116 -15.81 -19.73 -14.75
N GLU A 117 -16.17 -20.82 -15.41
CA GLU A 117 -17.40 -21.60 -15.15
C GLU A 117 -17.32 -22.32 -13.79
N LEU A 118 -18.46 -22.85 -13.36
CA LEU A 118 -18.53 -23.88 -12.29
C LEU A 118 -17.78 -25.10 -12.81
N PHE A 119 -17.30 -25.94 -11.91
CA PHE A 119 -16.68 -27.26 -12.21
C PHE A 119 -17.69 -28.41 -12.10
N GLU A 120 -17.53 -29.47 -12.90
CA GLU A 120 -18.19 -30.79 -12.71
C GLU A 120 -17.93 -31.23 -11.26
N GLY A 121 -18.88 -31.99 -10.67
CA GLY A 121 -18.76 -32.58 -9.32
C GLY A 121 -18.69 -31.50 -8.24
N GLU A 122 -19.17 -30.31 -8.58
CA GLU A 122 -19.06 -29.03 -7.82
C GLU A 122 -17.82 -29.01 -6.90
N ALA A 123 -16.66 -29.42 -7.43
CA ALA A 123 -15.33 -28.94 -6.99
C ALA A 123 -15.34 -27.41 -7.10
N LYS A 124 -14.74 -26.73 -6.13
CA LYS A 124 -14.71 -25.26 -6.05
C LYS A 124 -13.50 -24.75 -6.86
N GLU A 125 -12.42 -25.54 -6.92
CA GLU A 125 -11.11 -25.05 -7.44
C GLU A 125 -10.12 -26.21 -7.60
N TYR A 126 -9.01 -25.92 -8.28
CA TYR A 126 -7.82 -26.80 -8.43
C TYR A 126 -6.56 -25.93 -8.37
N SER A 127 -5.48 -26.50 -7.82
CA SER A 127 -4.10 -25.93 -7.79
C SER A 127 -3.33 -26.39 -9.02
N TYR A 128 -2.50 -25.53 -9.61
CA TYR A 128 -1.65 -25.87 -10.78
C TYR A 128 -0.21 -25.44 -10.50
N LYS A 129 0.74 -26.12 -11.13
CA LYS A 129 2.20 -25.89 -10.96
C LYS A 129 2.69 -25.25 -12.26
N THR A 130 3.64 -24.32 -12.18
CA THR A 130 4.37 -23.79 -13.36
C THR A 130 4.69 -24.95 -14.33
N GLY A 131 4.45 -24.75 -15.63
CA GLY A 131 4.75 -25.73 -16.71
C GLY A 131 3.63 -26.72 -17.01
N GLU A 132 2.67 -26.88 -16.10
CA GLU A 132 1.49 -27.73 -16.35
C GLU A 132 0.78 -27.25 -17.64
N LYS A 133 0.34 -28.20 -18.47
CA LYS A 133 -0.32 -27.97 -19.78
C LYS A 133 -1.81 -28.37 -19.63
N ILE A 134 -2.73 -27.45 -19.89
CA ILE A 134 -4.19 -27.67 -19.71
C ILE A 134 -4.85 -26.99 -20.88
N ARG A 135 -6.18 -27.02 -20.92
CA ARG A 135 -6.99 -26.41 -22.02
C ARG A 135 -7.99 -25.41 -21.46
N VAL A 136 -8.32 -24.41 -22.25
CA VAL A 136 -9.43 -23.45 -22.01
C VAL A 136 -10.44 -23.61 -23.15
N ALA A 137 -11.66 -23.99 -22.81
CA ALA A 137 -12.82 -24.15 -23.74
C ALA A 137 -13.40 -22.78 -24.03
N THR A 138 -13.89 -22.58 -25.25
CA THR A 138 -14.64 -21.39 -25.68
C THR A 138 -16.13 -21.72 -25.80
N LYS A 139 -16.50 -23.00 -25.92
CA LYS A 139 -17.92 -23.40 -26.06
C LYS A 139 -18.63 -22.92 -24.77
N GLN A 140 -19.72 -22.18 -24.95
CA GLN A 140 -20.56 -21.61 -23.88
C GLN A 140 -21.56 -22.65 -23.41
N GLY A 141 -22.00 -22.55 -22.16
CA GLY A 141 -23.05 -23.38 -21.56
C GLY A 141 -22.51 -24.69 -21.00
N ILE A 142 -21.20 -24.82 -20.75
CA ILE A 142 -20.64 -26.07 -20.16
C ILE A 142 -19.91 -25.77 -18.85
N LYS A 143 -19.58 -26.83 -18.11
CA LYS A 143 -18.83 -26.72 -16.84
C LYS A 143 -17.35 -27.01 -17.11
N SER A 144 -16.46 -26.51 -16.25
CA SER A 144 -15.01 -26.78 -16.31
C SER A 144 -14.76 -28.20 -15.79
N THR A 145 -13.67 -28.83 -16.22
CA THR A 145 -12.96 -29.91 -15.46
C THR A 145 -11.60 -29.34 -15.07
N ARG A 146 -10.79 -30.08 -14.30
CA ARG A 146 -9.43 -29.60 -13.95
C ARG A 146 -8.60 -29.35 -15.22
N GLU A 147 -8.77 -30.15 -16.27
CA GLU A 147 -7.92 -30.13 -17.50
C GLU A 147 -8.50 -29.23 -18.58
N VAL A 148 -9.79 -28.91 -18.51
CA VAL A 148 -10.49 -28.09 -19.55
C VAL A 148 -11.33 -27.01 -18.86
N ILE A 149 -10.74 -25.83 -18.70
CA ILE A 149 -11.40 -24.69 -18.00
C ILE A 149 -12.40 -24.08 -18.98
N ALA A 150 -13.68 -23.99 -18.60
CA ALA A 150 -14.71 -23.36 -19.47
C ALA A 150 -14.90 -21.92 -18.99
N LEU A 151 -15.32 -21.05 -19.90
CA LEU A 151 -15.51 -19.59 -19.64
C LEU A 151 -16.98 -19.24 -19.75
N ASN A 152 -17.46 -18.41 -18.83
CA ASN A 152 -18.75 -17.72 -18.97
C ASN A 152 -18.41 -16.37 -19.58
N VAL A 153 -18.64 -16.22 -20.88
CA VAL A 153 -18.35 -14.94 -21.59
C VAL A 153 -19.66 -14.14 -21.64
N ALA A 154 -19.62 -12.90 -21.17
CA ALA A 154 -20.76 -11.98 -21.28
C ALA A 154 -21.26 -11.96 -22.73
N GLY A 155 -22.58 -12.04 -22.90
CA GLY A 155 -23.26 -12.13 -24.20
C GLY A 155 -23.19 -13.53 -24.80
N ALA A 156 -22.70 -14.53 -24.05
CA ALA A 156 -22.37 -15.90 -24.51
C ALA A 156 -21.59 -15.88 -25.84
N LEU A 157 -20.66 -14.95 -25.98
CA LEU A 157 -19.83 -14.80 -27.19
C LEU A 157 -18.86 -15.98 -27.34
N ASP A 158 -18.56 -16.38 -28.58
CA ASP A 158 -17.48 -17.34 -28.93
C ASP A 158 -16.21 -16.51 -29.07
N ILE A 159 -15.20 -16.68 -28.19
CA ILE A 159 -13.97 -15.82 -28.26
C ILE A 159 -12.83 -16.50 -29.06
N TYR A 160 -13.00 -17.72 -29.57
CA TYR A 160 -11.93 -18.51 -30.21
C TYR A 160 -11.19 -17.68 -31.28
N ASP A 161 -11.90 -17.00 -32.19
CA ASP A 161 -11.23 -16.24 -33.29
C ASP A 161 -10.64 -14.94 -32.78
N ASP A 162 -10.82 -14.60 -31.49
CA ASP A 162 -10.38 -13.29 -30.92
C ASP A 162 -9.04 -13.44 -30.20
N VAL A 163 -8.63 -14.67 -29.90
CA VAL A 163 -7.43 -14.90 -29.05
C VAL A 163 -6.41 -15.66 -29.89
N GLU A 164 -5.27 -15.05 -30.12
CA GLU A 164 -4.15 -15.65 -30.90
C GLU A 164 -3.21 -16.44 -29.97
N VAL A 165 -2.47 -17.38 -30.55
CA VAL A 165 -1.32 -18.02 -29.87
C VAL A 165 -0.40 -16.92 -29.36
N GLY A 166 0.08 -17.03 -28.12
CA GLY A 166 1.00 -16.04 -27.52
C GLY A 166 0.30 -15.09 -26.57
N ARG A 167 -1.04 -15.00 -26.62
CA ARG A 167 -1.80 -14.23 -25.62
C ARG A 167 -1.71 -14.89 -24.25
N GLN A 168 -1.81 -14.06 -23.23
CA GLN A 168 -1.87 -14.41 -21.79
C GLN A 168 -3.33 -14.34 -21.30
N VAL A 169 -3.83 -15.45 -20.75
CA VAL A 169 -5.13 -15.56 -20.05
C VAL A 169 -4.80 -15.51 -18.56
N LEU A 170 -5.29 -14.49 -17.87
CA LEU A 170 -5.00 -14.27 -16.43
C LEU A 170 -6.29 -14.56 -15.64
N VAL A 171 -6.15 -15.25 -14.52
CA VAL A 171 -7.27 -15.69 -13.66
C VAL A 171 -7.13 -15.03 -12.28
N ASP A 172 -8.25 -14.45 -11.79
CA ASP A 172 -8.42 -13.85 -10.43
C ASP A 172 -7.46 -12.64 -10.22
N ASP A 173 -7.76 -11.51 -10.85
CA ASP A 173 -7.01 -10.23 -10.68
C ASP A 173 -5.53 -10.49 -11.02
N GLY A 174 -5.27 -11.41 -11.94
CA GLY A 174 -3.90 -11.65 -12.46
C GLY A 174 -3.08 -12.53 -11.53
N LYS A 175 -3.69 -13.23 -10.59
CA LYS A 175 -2.97 -14.09 -9.61
C LYS A 175 -2.30 -15.24 -10.37
N LEU A 176 -2.99 -15.80 -11.35
CA LEU A 176 -2.50 -16.92 -12.18
C LEU A 176 -2.51 -16.56 -13.66
N GLY A 177 -1.34 -16.68 -14.29
CA GLY A 177 -1.10 -16.53 -15.74
C GLY A 177 -1.11 -17.88 -16.48
N LEU A 178 -1.74 -17.90 -17.64
CA LEU A 178 -1.87 -19.04 -18.57
C LEU A 178 -1.38 -18.51 -19.90
N ARG A 179 -0.35 -19.11 -20.51
CA ARG A 179 0.16 -18.68 -21.84
C ARG A 179 -0.54 -19.55 -22.88
N VAL A 180 -1.15 -18.92 -23.89
CA VAL A 180 -1.75 -19.68 -25.04
C VAL A 180 -0.59 -20.13 -25.96
N VAL A 181 -0.39 -21.46 -26.08
CA VAL A 181 0.74 -22.08 -26.82
C VAL A 181 0.22 -22.79 -28.07
N ALA A 182 -1.07 -23.07 -28.17
CA ALA A 182 -1.66 -23.56 -29.44
C ALA A 182 -3.20 -23.51 -29.36
N LYS A 183 -3.81 -23.69 -30.50
CA LYS A 183 -5.26 -23.63 -30.71
C LYS A 183 -5.70 -24.90 -31.47
N ASP A 184 -6.70 -25.60 -30.94
CA ASP A 184 -7.28 -26.82 -31.54
C ASP A 184 -8.61 -26.43 -32.18
N ASP A 185 -8.61 -26.21 -33.50
CA ASP A 185 -9.79 -25.90 -34.34
C ASP A 185 -10.87 -26.98 -34.22
N ALA A 186 -10.54 -28.20 -33.86
CA ALA A 186 -11.50 -29.32 -33.82
C ALA A 186 -12.48 -29.08 -32.67
N THR A 187 -11.97 -28.63 -31.51
CA THR A 187 -12.76 -28.42 -30.25
C THR A 187 -12.89 -26.91 -29.95
N ARG A 188 -12.32 -26.05 -30.77
CA ARG A 188 -12.19 -24.59 -30.49
C ARG A 188 -11.69 -24.38 -29.06
N GLU A 189 -10.64 -25.10 -28.66
CA GLU A 189 -10.01 -25.01 -27.32
C GLU A 189 -8.64 -24.33 -27.46
N PHE A 190 -8.21 -23.64 -26.41
CA PHE A 190 -6.85 -23.06 -26.31
C PHE A 190 -6.04 -24.06 -25.52
N GLU A 191 -4.84 -24.37 -25.99
CA GLU A 191 -3.84 -25.13 -25.22
C GLU A 191 -2.96 -24.10 -24.54
N VAL A 192 -2.84 -24.22 -23.24
CA VAL A 192 -2.22 -23.16 -22.41
C VAL A 192 -1.22 -23.84 -21.48
N GLU A 193 -0.21 -23.07 -21.08
CA GLU A 193 0.82 -23.45 -20.09
C GLU A 193 0.60 -22.58 -18.86
N VAL A 194 0.59 -23.20 -17.69
CA VAL A 194 0.59 -22.46 -16.40
C VAL A 194 1.96 -21.76 -16.24
N GLU A 195 1.97 -20.43 -16.07
CA GLU A 195 3.22 -19.60 -16.01
C GLU A 195 3.70 -19.49 -14.57
N ASN A 196 2.84 -19.75 -13.60
CA ASN A 196 3.22 -19.60 -12.17
C ASN A 196 2.33 -20.50 -11.33
N ASP A 197 2.73 -20.84 -10.10
CA ASP A 197 1.90 -21.73 -9.24
C ASP A 197 0.67 -20.90 -8.86
N GLY A 198 -0.51 -21.54 -8.83
CA GLY A 198 -1.70 -20.94 -8.22
C GLY A 198 -2.96 -21.74 -8.47
N ILE A 199 -4.09 -21.04 -8.36
CA ILE A 199 -5.44 -21.66 -8.19
C ILE A 199 -6.37 -21.18 -9.31
N ILE A 200 -7.13 -22.10 -9.91
CA ILE A 200 -8.31 -21.71 -10.73
C ILE A 200 -9.55 -22.15 -9.97
N ALA A 201 -10.30 -21.18 -9.44
CA ALA A 201 -11.58 -21.39 -8.73
C ALA A 201 -12.73 -21.07 -9.68
N LYS A 202 -13.94 -21.47 -9.29
CA LYS A 202 -15.18 -21.15 -10.03
C LYS A 202 -15.42 -19.62 -10.01
N GLN A 203 -16.02 -19.09 -11.07
CA GLN A 203 -16.58 -17.71 -11.10
C GLN A 203 -15.49 -16.66 -10.83
N LYS A 204 -14.28 -16.88 -11.34
CA LYS A 204 -13.13 -15.96 -11.13
C LYS A 204 -12.99 -15.09 -12.36
N GLY A 205 -12.65 -13.82 -12.15
CA GLY A 205 -12.39 -12.89 -13.27
C GLY A 205 -11.33 -13.47 -14.18
N VAL A 206 -11.51 -13.33 -15.48
CA VAL A 206 -10.53 -13.76 -16.51
C VAL A 206 -10.20 -12.54 -17.36
N ASN A 207 -8.93 -12.16 -17.48
CA ASN A 207 -8.50 -11.05 -18.37
C ASN A 207 -7.69 -11.66 -19.50
N ILE A 208 -7.82 -11.09 -20.69
CA ILE A 208 -7.00 -11.48 -21.85
C ILE A 208 -6.57 -10.17 -22.51
N PRO A 209 -5.51 -9.54 -21.95
CA PRO A 209 -4.99 -8.28 -22.45
C PRO A 209 -4.70 -8.33 -23.96
N ASN A 210 -4.87 -7.17 -24.61
CA ASN A 210 -4.59 -6.91 -26.04
C ASN A 210 -5.46 -7.80 -26.91
N THR A 211 -6.69 -8.08 -26.49
CA THR A 211 -7.73 -8.67 -27.37
C THR A 211 -8.88 -7.68 -27.45
N LYS A 212 -9.71 -7.81 -28.47
CA LYS A 212 -10.87 -6.92 -28.73
C LYS A 212 -12.09 -7.82 -28.86
N ILE A 213 -12.64 -8.26 -27.73
CA ILE A 213 -13.86 -9.12 -27.65
C ILE A 213 -15.08 -8.20 -27.75
N PRO A 214 -15.96 -8.39 -28.77
CA PRO A 214 -17.08 -7.48 -28.98
C PRO A 214 -18.24 -7.68 -28.00
N PHE A 215 -18.04 -7.39 -26.72
CA PHE A 215 -19.10 -7.57 -25.70
C PHE A 215 -20.34 -6.73 -26.05
N PRO A 216 -21.55 -7.20 -25.72
CA PRO A 216 -22.77 -6.44 -26.03
C PRO A 216 -22.89 -5.16 -25.19
N ALA A 217 -23.69 -4.22 -25.70
CA ALA A 217 -24.05 -2.92 -25.06
C ALA A 217 -24.49 -3.15 -23.61
N LEU A 218 -25.45 -4.05 -23.38
CA LEU A 218 -25.84 -4.49 -22.02
C LEU A 218 -26.16 -5.97 -22.09
N ALA A 219 -25.43 -6.82 -21.37
CA ALA A 219 -25.74 -8.27 -21.33
C ALA A 219 -27.13 -8.49 -20.73
N GLU A 220 -27.84 -9.47 -21.27
CA GLU A 220 -29.16 -9.90 -20.74
C GLU A 220 -29.00 -10.32 -19.29
N ARG A 221 -27.91 -10.99 -18.93
CA ARG A 221 -27.63 -11.41 -17.53
C ARG A 221 -27.61 -10.18 -16.62
N ASP A 222 -27.06 -9.07 -17.11
CA ASP A 222 -26.92 -7.82 -16.31
C ASP A 222 -28.31 -7.20 -16.16
N ASN A 223 -29.04 -7.15 -17.27
CA ASN A 223 -30.45 -6.66 -17.29
C ASN A 223 -31.23 -7.38 -16.19
N ASP A 224 -31.13 -8.71 -16.13
CA ASP A 224 -31.90 -9.54 -15.17
C ASP A 224 -31.38 -9.32 -13.74
N ASP A 225 -30.07 -9.32 -13.51
CA ASP A 225 -29.45 -9.07 -12.18
C ASP A 225 -29.89 -7.71 -11.63
N ILE A 226 -29.76 -6.65 -12.41
CA ILE A 226 -30.14 -5.28 -11.98
C ILE A 226 -31.62 -5.25 -11.62
N ARG A 227 -32.49 -5.84 -12.45
CA ARG A 227 -33.95 -5.84 -12.21
C ARG A 227 -34.24 -6.64 -10.94
N PHE A 228 -33.57 -7.76 -10.72
CA PHE A 228 -33.77 -8.55 -9.48
C PHE A 228 -33.29 -7.74 -8.25
N GLY A 229 -32.15 -7.05 -8.34
CA GLY A 229 -31.65 -6.20 -7.23
C GLY A 229 -32.56 -5.02 -6.95
N LEU A 230 -33.06 -4.37 -7.99
CA LEU A 230 -33.99 -3.23 -7.84
C LEU A 230 -35.24 -3.71 -7.09
N GLU A 231 -35.78 -4.88 -7.42
CA GLU A 231 -36.89 -5.55 -6.68
C GLU A 231 -36.54 -5.76 -5.21
N GLN A 232 -35.36 -6.27 -4.86
CA GLN A 232 -35.05 -6.48 -3.42
C GLN A 232 -35.00 -5.14 -2.68
N GLY A 233 -34.56 -4.06 -3.33
CA GLY A 233 -34.34 -2.74 -2.70
C GLY A 233 -32.86 -2.47 -2.55
N ILE A 234 -32.31 -1.65 -3.44
CA ILE A 234 -30.88 -1.25 -3.38
C ILE A 234 -30.79 0.29 -3.45
N ASN A 235 -29.65 0.83 -3.03
CA ASN A 235 -29.41 2.30 -3.08
C ASN A 235 -28.42 2.63 -4.17
N PHE A 236 -27.56 1.67 -4.52
CA PHE A 236 -26.41 1.89 -5.41
C PHE A 236 -26.24 0.70 -6.34
N ILE A 237 -25.76 1.00 -7.54
CA ILE A 237 -25.23 -0.02 -8.47
C ILE A 237 -23.83 0.41 -8.89
N ALA A 238 -22.88 -0.49 -8.70
CA ALA A 238 -21.52 -0.37 -9.26
C ALA A 238 -21.50 -1.17 -10.55
N ILE A 239 -21.38 -0.48 -11.68
CA ILE A 239 -21.42 -1.09 -13.04
C ILE A 239 -19.99 -1.50 -13.41
N SER A 240 -19.73 -2.80 -13.53
CA SER A 240 -18.42 -3.37 -13.93
C SER A 240 -18.04 -3.01 -15.36
N PHE A 241 -16.76 -2.68 -15.58
CA PHE A 241 -16.14 -2.48 -16.90
C PHE A 241 -16.91 -1.44 -17.72
N VAL A 242 -17.16 -0.27 -17.14
CA VAL A 242 -17.79 0.82 -17.91
C VAL A 242 -16.78 1.27 -18.98
N ARG A 243 -17.19 1.18 -20.24
CA ARG A 243 -16.34 1.47 -21.43
C ARG A 243 -16.64 2.89 -21.94
N THR A 244 -17.92 3.28 -21.93
CA THR A 244 -18.40 4.63 -22.36
C THR A 244 -19.60 5.03 -21.48
N ALA A 245 -20.09 6.26 -21.68
CA ALA A 245 -21.29 6.80 -21.00
C ALA A 245 -22.52 5.95 -21.36
N LYS A 246 -22.56 5.32 -22.52
CA LYS A 246 -23.74 4.52 -22.93
C LYS A 246 -23.92 3.35 -21.96
N ASP A 247 -22.84 2.80 -21.40
CA ASP A 247 -22.94 1.69 -20.42
C ASP A 247 -23.63 2.19 -19.15
N VAL A 248 -23.41 3.44 -18.75
CA VAL A 248 -24.07 4.05 -17.55
C VAL A 248 -25.53 4.33 -17.90
N ASN A 249 -25.79 4.94 -19.05
CA ASN A 249 -27.15 5.35 -19.53
C ASN A 249 -28.06 4.14 -19.64
N GLU A 250 -27.53 3.01 -20.09
CA GLU A 250 -28.35 1.76 -20.24
C GLU A 250 -28.87 1.35 -18.87
N VAL A 251 -28.06 1.49 -17.83
CA VAL A 251 -28.49 1.05 -16.47
C VAL A 251 -29.45 2.12 -15.92
N ARG A 252 -29.14 3.41 -16.12
CA ARG A 252 -29.98 4.56 -15.71
C ARG A 252 -31.41 4.36 -16.25
N ALA A 253 -31.55 4.04 -17.53
CA ALA A 253 -32.87 3.80 -18.17
C ALA A 253 -33.63 2.73 -17.39
N ILE A 254 -33.02 1.64 -16.93
CA ILE A 254 -33.74 0.58 -16.17
C ILE A 254 -34.13 1.12 -14.77
N CYS A 255 -33.25 1.85 -14.10
CA CYS A 255 -33.56 2.41 -12.75
C CYS A 255 -34.78 3.35 -12.85
N GLU A 256 -34.83 4.17 -13.90
CA GLU A 256 -35.92 5.17 -14.12
C GLU A 256 -37.22 4.45 -14.50
N GLU A 257 -37.12 3.55 -15.45
CA GLU A 257 -38.27 2.78 -15.96
C GLU A 257 -38.98 2.02 -14.84
N THR A 258 -38.25 1.55 -13.83
CA THR A 258 -38.85 0.68 -12.77
C THR A 258 -39.26 1.57 -11.59
N GLY A 259 -39.19 2.88 -11.73
CA GLY A 259 -39.53 3.78 -10.62
C GLY A 259 -38.46 3.77 -9.52
N ASN A 260 -37.19 3.46 -9.86
CA ASN A 260 -36.02 3.49 -8.93
C ASN A 260 -35.04 4.58 -9.37
N GLY A 261 -35.56 5.75 -9.74
CA GLY A 261 -34.75 6.91 -10.19
C GLY A 261 -33.83 7.42 -9.09
N HIS A 262 -34.09 7.10 -7.83
CA HIS A 262 -33.24 7.44 -6.64
C HIS A 262 -31.94 6.60 -6.57
N VAL A 263 -31.87 5.50 -7.29
CA VAL A 263 -30.68 4.60 -7.22
C VAL A 263 -29.48 5.28 -7.90
N GLN A 264 -28.34 5.26 -7.22
CA GLN A 264 -27.14 5.96 -7.70
C GLN A 264 -26.25 4.96 -8.46
N LEU A 265 -25.67 5.43 -9.58
CA LEU A 265 -24.80 4.62 -10.44
C LEU A 265 -23.35 5.02 -10.24
N PHE A 266 -22.52 4.09 -9.79
CA PHE A 266 -21.05 4.24 -9.72
C PHE A 266 -20.45 3.45 -10.86
N ALA A 267 -19.83 4.13 -11.81
CA ALA A 267 -19.13 3.45 -12.94
C ALA A 267 -17.84 2.86 -12.41
N LYS A 268 -17.61 1.57 -12.68
CA LYS A 268 -16.31 0.95 -12.36
C LYS A 268 -15.37 1.17 -13.53
N ILE A 269 -14.30 1.91 -13.27
CA ILE A 269 -13.22 2.12 -14.25
C ILE A 269 -12.19 1.02 -14.04
N GLU A 270 -12.01 0.17 -15.05
CA GLU A 270 -11.12 -1.01 -14.92
C GLU A 270 -10.62 -1.49 -16.29
N ASN A 271 -10.53 -0.60 -17.28
CA ASN A 271 -9.85 -0.94 -18.55
C ASN A 271 -9.53 0.38 -19.22
N GLN A 272 -8.81 0.31 -20.34
CA GLN A 272 -8.24 1.49 -21.01
C GLN A 272 -9.37 2.31 -21.64
N GLN A 273 -10.42 1.66 -22.13
CA GLN A 273 -11.57 2.36 -22.78
C GLN A 273 -12.29 3.24 -21.73
N GLY A 274 -12.44 2.73 -20.52
CA GLY A 274 -13.01 3.44 -19.37
C GLY A 274 -12.18 4.66 -19.03
N ILE A 275 -10.85 4.50 -19.02
CA ILE A 275 -9.89 5.60 -18.74
C ILE A 275 -9.98 6.62 -19.87
N ASP A 276 -10.03 6.17 -21.11
CA ASP A 276 -10.10 7.04 -22.31
C ASP A 276 -11.37 7.90 -22.21
N ASN A 277 -12.48 7.31 -21.75
CA ASN A 277 -13.83 7.95 -21.78
C ASN A 277 -14.17 8.52 -20.39
N LEU A 278 -13.19 8.71 -19.50
CA LEU A 278 -13.49 9.05 -18.08
C LEU A 278 -14.42 10.26 -17.98
N ASP A 279 -14.12 11.38 -18.62
CA ASP A 279 -14.92 12.64 -18.56
C ASP A 279 -16.41 12.36 -18.85
N GLU A 280 -16.76 11.69 -19.94
CA GLU A 280 -18.18 11.51 -20.29
C GLU A 280 -18.81 10.50 -19.32
N ILE A 281 -18.02 9.57 -18.79
CA ILE A 281 -18.46 8.57 -17.80
C ILE A 281 -18.77 9.29 -16.50
N ILE A 282 -17.89 10.15 -16.02
CA ILE A 282 -18.14 10.89 -14.76
C ILE A 282 -19.42 11.72 -14.94
N GLU A 283 -19.56 12.39 -16.08
CA GLU A 283 -20.74 13.25 -16.35
C GLU A 283 -21.99 12.41 -16.20
N ALA A 284 -22.03 11.19 -16.77
CA ALA A 284 -23.24 10.34 -16.82
C ALA A 284 -23.50 9.62 -15.48
N ALA A 285 -22.49 9.46 -14.64
CA ALA A 285 -22.59 8.61 -13.43
C ALA A 285 -22.83 9.50 -12.19
N ASP A 286 -23.12 8.86 -11.05
CA ASP A 286 -23.22 9.56 -9.74
C ASP A 286 -21.90 9.44 -9.01
N GLY A 287 -20.95 8.68 -9.54
CA GLY A 287 -19.70 8.35 -8.84
C GLY A 287 -18.87 7.36 -9.61
N ILE A 288 -17.68 7.11 -9.11
CA ILE A 288 -16.70 6.19 -9.74
C ILE A 288 -16.22 5.26 -8.65
N MET A 289 -16.18 3.98 -8.98
CA MET A 289 -15.44 2.99 -8.18
C MET A 289 -14.16 2.66 -8.96
N ILE A 290 -13.04 2.97 -8.33
CA ILE A 290 -11.68 2.72 -8.87
C ILE A 290 -11.40 1.23 -8.64
N ALA A 291 -11.76 0.42 -9.61
CA ALA A 291 -11.71 -1.06 -9.52
C ALA A 291 -10.29 -1.52 -9.86
N ARG A 292 -9.36 -1.38 -8.92
CA ARG A 292 -7.91 -1.47 -9.19
C ARG A 292 -7.52 -2.89 -9.65
N GLY A 293 -8.27 -3.90 -9.20
CA GLY A 293 -7.99 -5.33 -9.52
C GLY A 293 -7.83 -5.53 -11.01
N ASP A 294 -8.91 -5.31 -11.74
CA ASP A 294 -8.92 -5.43 -13.21
C ASP A 294 -8.10 -4.29 -13.80
N MET A 295 -8.10 -3.10 -13.18
CA MET A 295 -7.45 -1.94 -13.84
C MET A 295 -5.95 -2.28 -13.98
N GLY A 296 -5.35 -2.85 -12.92
CA GLY A 296 -3.89 -3.06 -12.84
C GLY A 296 -3.41 -4.25 -13.67
N ILE A 297 -4.33 -4.93 -14.37
CA ILE A 297 -4.04 -5.96 -15.42
C ILE A 297 -4.36 -5.44 -16.81
N GLU A 298 -5.35 -4.55 -16.96
CA GLU A 298 -5.84 -4.09 -18.28
C GLU A 298 -5.02 -2.88 -18.70
N VAL A 299 -4.35 -2.25 -17.75
CA VAL A 299 -3.41 -1.13 -18.05
C VAL A 299 -2.12 -1.43 -17.31
N PRO A 300 -1.02 -0.71 -17.59
CA PRO A 300 0.24 -0.93 -16.87
C PRO A 300 0.03 -0.74 -15.37
N PHE A 301 0.38 -1.74 -14.56
CA PHE A 301 0.15 -1.73 -13.11
C PHE A 301 0.67 -0.42 -12.51
N GLU A 302 1.79 0.08 -13.01
CA GLU A 302 2.48 1.26 -12.44
C GLU A 302 1.72 2.55 -12.79
N MET A 303 0.72 2.51 -13.70
CA MET A 303 -0.12 3.69 -14.03
C MET A 303 -1.29 3.82 -13.04
N VAL A 304 -1.63 2.78 -12.27
CA VAL A 304 -2.88 2.75 -11.49
C VAL A 304 -2.83 3.85 -10.41
N PRO A 305 -1.68 4.10 -9.74
CA PRO A 305 -1.63 5.19 -8.76
C PRO A 305 -1.82 6.58 -9.40
N VAL A 306 -1.39 6.73 -10.65
CA VAL A 306 -1.58 8.00 -11.40
C VAL A 306 -3.09 8.18 -11.64
N TYR A 307 -3.74 7.17 -12.22
CA TYR A 307 -5.18 7.19 -12.53
C TYR A 307 -5.99 7.35 -11.24
N GLN A 308 -5.55 6.73 -10.15
CA GLN A 308 -6.28 6.79 -8.87
C GLN A 308 -6.37 8.25 -8.42
N LYS A 309 -5.22 8.95 -8.35
CA LYS A 309 -5.16 10.29 -7.76
C LYS A 309 -5.96 11.25 -8.64
N MET A 310 -5.84 11.06 -9.96
CA MET A 310 -6.50 11.90 -10.96
C MET A 310 -8.03 11.67 -10.90
N ILE A 311 -8.51 10.41 -10.79
CA ILE A 311 -9.97 10.11 -10.74
C ILE A 311 -10.55 10.71 -9.45
N ILE A 312 -9.88 10.54 -8.33
CA ILE A 312 -10.40 11.10 -7.05
C ILE A 312 -10.56 12.61 -7.22
N LYS A 313 -9.58 13.33 -7.76
CA LYS A 313 -9.66 14.80 -7.92
C LYS A 313 -10.82 15.16 -8.87
N LYS A 314 -10.97 14.51 -10.02
CA LYS A 314 -12.05 14.85 -11.00
C LYS A 314 -13.44 14.55 -10.45
N VAL A 315 -13.61 13.46 -9.71
CA VAL A 315 -14.94 13.05 -9.22
C VAL A 315 -15.32 13.99 -8.08
N ASN A 316 -14.38 14.34 -7.23
CA ASN A 316 -14.65 15.32 -6.14
C ASN A 316 -14.96 16.67 -6.79
N ALA A 317 -14.24 17.10 -7.83
CA ALA A 317 -14.55 18.42 -8.45
C ALA A 317 -15.98 18.42 -9.05
N ALA A 318 -16.52 17.25 -9.46
CA ALA A 318 -17.88 17.15 -10.07
C ALA A 318 -18.95 16.99 -8.97
N GLY A 319 -18.60 17.04 -7.68
CA GLY A 319 -19.59 16.92 -6.62
C GLY A 319 -20.09 15.49 -6.46
N LYS A 320 -19.31 14.49 -6.87
CA LYS A 320 -19.77 13.09 -6.92
C LYS A 320 -18.97 12.20 -5.97
N VAL A 321 -19.34 10.92 -5.92
CA VAL A 321 -18.73 9.97 -4.93
C VAL A 321 -17.60 9.19 -5.60
N VAL A 322 -16.46 9.06 -4.92
CA VAL A 322 -15.39 8.13 -5.36
C VAL A 322 -15.11 7.10 -4.27
N ILE A 323 -15.11 5.84 -4.69
CA ILE A 323 -14.75 4.62 -3.90
C ILE A 323 -13.42 4.07 -4.41
N THR A 324 -12.44 3.92 -3.54
CA THR A 324 -11.16 3.24 -3.84
C THR A 324 -11.28 1.78 -3.43
N ALA A 325 -11.00 0.84 -4.33
CA ALA A 325 -11.27 -0.61 -4.15
C ALA A 325 -10.06 -1.50 -4.47
N THR A 326 -9.99 -2.61 -3.73
CA THR A 326 -9.35 -3.90 -4.07
C THR A 326 -7.93 -3.94 -3.52
N ASN A 327 -7.65 -4.98 -2.73
CA ASN A 327 -6.32 -5.34 -2.17
C ASN A 327 -5.96 -4.39 -1.03
N MET A 328 -6.93 -3.59 -0.55
CA MET A 328 -6.61 -2.52 0.43
C MET A 328 -6.08 -3.15 1.73
N LEU A 329 -6.65 -4.26 2.22
CA LEU A 329 -6.10 -4.98 3.41
C LEU A 329 -6.01 -6.48 3.08
N GLU A 330 -5.45 -6.81 1.91
CA GLU A 330 -5.54 -8.18 1.31
C GLU A 330 -5.09 -9.25 2.30
N THR A 331 -3.98 -9.01 3.01
CA THR A 331 -3.33 -9.99 3.91
C THR A 331 -4.30 -10.36 5.03
N MET A 332 -5.29 -9.51 5.31
CA MET A 332 -6.21 -9.76 6.44
C MET A 332 -7.29 -10.77 6.05
N THR A 333 -7.27 -11.27 4.81
CA THR A 333 -8.08 -12.44 4.41
C THR A 333 -7.66 -13.63 5.30
N GLU A 334 -6.36 -13.76 5.60
CA GLU A 334 -5.77 -14.98 6.23
C GLU A 334 -5.20 -14.63 7.61
N LYS A 335 -4.76 -13.39 7.82
CA LYS A 335 -4.03 -12.98 9.05
C LYS A 335 -4.78 -11.88 9.78
N PRO A 336 -4.57 -11.76 11.10
CA PRO A 336 -5.23 -10.72 11.88
C PRO A 336 -4.65 -9.30 11.76
N ARG A 337 -3.47 -9.10 11.16
CA ARG A 337 -2.85 -7.75 11.00
C ARG A 337 -2.51 -7.57 9.52
N ALA A 338 -2.67 -6.37 9.00
CA ALA A 338 -2.30 -6.05 7.59
C ALA A 338 -0.80 -5.76 7.49
N THR A 339 -0.26 -5.94 6.28
CA THR A 339 1.10 -5.50 5.90
C THR A 339 1.20 -3.96 6.00
N ARG A 340 2.44 -3.47 6.05
CA ARG A 340 2.78 -2.03 6.09
C ARG A 340 2.37 -1.36 4.77
N SER A 341 2.48 -2.06 3.64
CA SER A 341 2.06 -1.55 2.32
C SER A 341 0.53 -1.38 2.27
N GLU A 342 -0.20 -2.26 2.96
CA GLU A 342 -1.69 -2.24 2.97
C GLU A 342 -2.19 -1.07 3.81
N VAL A 343 -1.63 -0.86 5.00
CA VAL A 343 -2.02 0.28 5.86
C VAL A 343 -1.69 1.60 5.13
N SER A 344 -0.57 1.63 4.42
CA SER A 344 -0.12 2.78 3.59
C SER A 344 -1.15 3.09 2.49
N ASP A 345 -1.60 2.06 1.79
CA ASP A 345 -2.56 2.21 0.66
C ASP A 345 -3.87 2.82 1.16
N VAL A 346 -4.42 2.29 2.25
CA VAL A 346 -5.65 2.85 2.87
C VAL A 346 -5.39 4.31 3.26
N PHE A 347 -4.29 4.59 3.95
CA PHE A 347 -4.03 5.95 4.49
C PHE A 347 -3.90 6.93 3.32
N ASN A 348 -3.15 6.53 2.29
CA ASN A 348 -2.89 7.38 1.09
C ASN A 348 -4.19 7.61 0.28
N ALA A 349 -5.12 6.64 0.23
CA ALA A 349 -6.44 6.80 -0.46
C ALA A 349 -7.23 7.90 0.26
N VAL A 350 -7.18 7.90 1.60
CA VAL A 350 -7.83 8.98 2.36
C VAL A 350 -7.14 10.30 1.98
N ILE A 351 -5.80 10.38 2.02
CA ILE A 351 -5.07 11.65 1.77
C ILE A 351 -5.38 12.14 0.34
N ASP A 352 -5.48 11.21 -0.61
CA ASP A 352 -5.77 11.50 -2.03
C ASP A 352 -7.12 12.24 -2.17
N GLY A 353 -8.04 12.04 -1.21
CA GLY A 353 -9.40 12.62 -1.23
C GLY A 353 -10.54 11.61 -1.44
N THR A 354 -10.32 10.30 -1.24
CA THR A 354 -11.41 9.31 -1.46
C THR A 354 -12.58 9.61 -0.50
N ASP A 355 -13.82 9.49 -0.98
CA ASP A 355 -15.01 9.49 -0.11
C ASP A 355 -15.06 8.16 0.65
N ALA A 356 -14.64 7.08 0.01
CA ALA A 356 -14.83 5.76 0.62
C ALA A 356 -13.71 4.79 0.26
N THR A 357 -13.48 3.85 1.17
CA THR A 357 -12.55 2.71 0.97
C THR A 357 -13.39 1.45 0.98
N MET A 358 -12.91 0.40 0.36
CA MET A 358 -13.70 -0.84 0.15
C MET A 358 -12.91 -2.08 0.60
N LEU A 359 -13.64 -3.04 1.13
CA LEU A 359 -13.15 -4.42 1.46
C LEU A 359 -13.88 -5.38 0.51
N SER A 360 -13.14 -6.29 -0.10
CA SER A 360 -13.66 -7.36 -0.99
C SER A 360 -13.53 -8.75 -0.31
N GLY A 361 -12.50 -9.53 -0.65
CA GLY A 361 -12.27 -10.84 -0.02
C GLY A 361 -12.16 -10.73 1.49
N GLU A 362 -11.62 -9.61 2.00
CA GLU A 362 -11.32 -9.42 3.45
C GLU A 362 -12.60 -9.59 4.25
N SER A 363 -13.73 -9.08 3.72
CA SER A 363 -15.02 -9.10 4.44
C SER A 363 -15.91 -10.23 3.89
N ALA A 364 -15.76 -10.63 2.61
CA ALA A 364 -16.66 -11.60 1.94
C ALA A 364 -16.22 -13.04 2.23
N ASN A 365 -14.91 -13.27 2.30
CA ASN A 365 -14.29 -14.59 2.04
C ASN A 365 -13.21 -14.91 3.07
N GLY A 366 -12.99 -14.11 4.09
CA GLY A 366 -11.74 -14.22 4.89
C GLY A 366 -12.03 -14.76 6.27
N LYS A 367 -10.97 -14.95 7.06
CA LYS A 367 -11.11 -15.43 8.47
C LYS A 367 -11.38 -14.26 9.40
N TYR A 368 -11.17 -13.00 8.98
CA TYR A 368 -11.25 -11.82 9.91
C TYR A 368 -12.11 -10.68 9.35
N PRO A 369 -13.37 -10.95 8.97
CA PRO A 369 -14.21 -9.89 8.41
C PRO A 369 -14.48 -8.73 9.38
N LEU A 370 -14.79 -9.03 10.63
CA LEU A 370 -15.06 -7.94 11.61
C LEU A 370 -13.79 -7.11 11.80
N GLU A 371 -12.65 -7.76 12.00
CA GLU A 371 -11.36 -7.12 12.30
C GLU A 371 -10.91 -6.30 11.08
N SER A 372 -11.23 -6.76 9.86
CA SER A 372 -10.91 -6.02 8.61
C SER A 372 -11.63 -4.66 8.61
N VAL A 373 -12.90 -4.61 9.00
CA VAL A 373 -13.70 -3.37 9.05
C VAL A 373 -13.12 -2.48 10.16
N THR A 374 -12.81 -3.07 11.29
CA THR A 374 -12.28 -2.35 12.49
C THR A 374 -10.93 -1.74 12.11
N THR A 375 -10.07 -2.49 11.45
CA THR A 375 -8.72 -2.01 11.03
C THR A 375 -8.86 -0.87 10.00
N MET A 376 -9.69 -1.03 9.00
CA MET A 376 -9.90 0.01 7.99
C MET A 376 -10.42 1.26 8.69
N ALA A 377 -11.34 1.09 9.62
CA ALA A 377 -12.01 2.21 10.31
C ALA A 377 -10.94 3.01 11.04
N THR A 378 -10.08 2.30 11.77
CA THR A 378 -8.95 2.88 12.56
C THR A 378 -8.01 3.65 11.64
N ILE A 379 -7.62 3.08 10.49
CA ILE A 379 -6.70 3.77 9.54
C ILE A 379 -7.41 5.00 8.98
N ASP A 380 -8.64 4.83 8.52
CA ASP A 380 -9.44 5.91 7.93
C ASP A 380 -9.59 7.05 8.94
N LYS A 381 -9.88 6.75 10.20
CA LYS A 381 -10.10 7.78 11.25
C LYS A 381 -8.78 8.54 11.48
N ASN A 382 -7.65 7.85 11.46
CA ASN A 382 -6.33 8.47 11.71
C ASN A 382 -5.99 9.37 10.51
N ALA A 383 -6.15 8.86 9.30
CA ALA A 383 -5.81 9.59 8.07
C ALA A 383 -6.61 10.89 7.97
N GLN A 384 -7.87 10.94 8.44
CA GLN A 384 -8.74 12.14 8.26
C GLN A 384 -8.19 13.33 9.06
N ALA A 385 -7.52 13.03 10.17
CA ALA A 385 -6.93 14.04 11.07
C ALA A 385 -5.69 14.68 10.39
N LEU A 386 -5.17 14.11 9.32
CA LEU A 386 -4.01 14.70 8.61
C LEU A 386 -4.40 15.31 7.27
N LEU A 387 -5.69 15.42 6.98
CA LEU A 387 -6.13 16.02 5.69
C LEU A 387 -5.72 17.50 5.65
N ASN A 388 -5.68 18.19 6.78
CA ASN A 388 -5.25 19.62 6.85
C ASN A 388 -3.80 19.75 6.36
N GLU A 389 -2.89 18.91 6.82
CA GLU A 389 -1.45 18.99 6.48
C GLU A 389 -1.14 18.44 5.07
N TYR A 390 -1.81 17.37 4.63
CA TYR A 390 -1.36 16.54 3.48
C TYR A 390 -2.43 16.42 2.39
N GLY A 391 -3.68 16.80 2.67
CA GLY A 391 -4.79 16.53 1.74
C GLY A 391 -4.49 17.06 0.35
N ARG A 392 -4.78 16.29 -0.69
CA ARG A 392 -4.52 16.68 -2.11
C ARG A 392 -5.66 17.54 -2.65
N LEU A 393 -6.91 17.31 -2.22
CA LEU A 393 -8.09 18.04 -2.77
C LEU A 393 -7.97 19.52 -2.43
N ASP A 394 -8.31 20.39 -3.37
CA ASP A 394 -8.22 21.86 -3.17
C ASP A 394 -9.54 22.51 -3.59
N SER A 395 -10.43 22.77 -2.63
CA SER A 395 -11.77 23.35 -2.86
C SER A 395 -11.70 24.84 -3.26
N ASP A 396 -10.64 25.55 -2.87
CA ASP A 396 -10.38 26.95 -3.33
C ASP A 396 -10.31 27.02 -4.85
N SER A 397 -9.99 25.95 -5.56
CA SER A 397 -9.88 25.96 -7.05
C SER A 397 -11.27 25.91 -7.70
N PHE A 398 -12.32 25.49 -7.01
CA PHE A 398 -13.61 25.18 -7.66
C PHE A 398 -14.35 26.46 -8.02
N GLU A 399 -15.01 26.44 -9.18
CA GLU A 399 -16.12 27.37 -9.52
C GLU A 399 -17.33 26.97 -8.67
N ARG A 400 -17.89 27.91 -7.93
CA ARG A 400 -19.19 27.75 -7.24
C ARG A 400 -20.28 28.04 -8.27
N ASN A 401 -20.93 27.00 -8.82
CA ASN A 401 -21.77 27.14 -10.04
C ASN A 401 -23.26 27.28 -9.73
N SER A 402 -23.62 27.43 -8.46
CA SER A 402 -25.04 27.60 -8.05
C SER A 402 -25.05 28.22 -6.67
N LYS A 403 -26.23 28.66 -6.24
CA LYS A 403 -26.39 29.31 -4.93
C LYS A 403 -26.24 28.31 -3.78
N THR A 404 -26.66 27.05 -3.95
CA THR A 404 -26.42 26.00 -2.92
C THR A 404 -24.91 25.81 -2.76
N GLU A 405 -24.18 25.78 -3.88
CA GLU A 405 -22.71 25.59 -3.84
C GLU A 405 -22.05 26.79 -3.16
N VAL A 406 -22.50 28.04 -3.43
CA VAL A 406 -21.99 29.26 -2.73
C VAL A 406 -22.15 29.05 -1.21
N MET A 407 -23.28 28.55 -0.79
CA MET A 407 -23.56 28.29 0.65
C MET A 407 -22.61 27.19 1.18
N ALA A 408 -22.38 26.13 0.38
CA ALA A 408 -21.43 25.04 0.73
C ALA A 408 -20.03 25.65 0.95
N SER A 409 -19.61 26.59 0.11
CA SER A 409 -18.32 27.31 0.23
C SER A 409 -18.28 28.13 1.53
N ALA A 410 -19.34 28.84 1.84
CA ALA A 410 -19.47 29.66 3.05
C ALA A 410 -19.41 28.76 4.31
N VAL A 411 -20.07 27.60 4.30
CA VAL A 411 -19.96 26.62 5.43
C VAL A 411 -18.50 26.25 5.66
N LYS A 412 -17.80 25.84 4.60
CA LYS A 412 -16.36 25.50 4.67
C LYS A 412 -15.62 26.66 5.32
N ASP A 413 -15.89 27.89 4.89
CA ASP A 413 -15.18 29.08 5.39
C ASP A 413 -15.40 29.18 6.91
N ALA A 414 -16.65 29.01 7.37
CA ALA A 414 -17.03 29.08 8.81
C ALA A 414 -16.29 27.99 9.59
N THR A 415 -16.14 26.77 9.04
CA THR A 415 -15.41 25.66 9.71
C THR A 415 -13.91 25.90 9.65
N SER A 416 -13.41 26.79 8.78
CA SER A 416 -11.97 27.19 8.78
C SER A 416 -11.75 28.39 9.71
N SER A 417 -12.75 29.22 9.97
CA SER A 417 -12.58 30.46 10.76
C SER A 417 -12.57 30.15 12.26
N MET A 418 -13.20 29.06 12.68
CA MET A 418 -13.42 28.75 14.12
C MET A 418 -13.65 27.26 14.29
N ASP A 419 -13.61 26.80 15.54
CA ASP A 419 -13.79 25.37 15.91
C ASP A 419 -15.28 25.05 15.82
N ILE A 420 -15.71 24.42 14.72
CA ILE A 420 -17.12 23.98 14.52
C ILE A 420 -17.21 22.46 14.77
N LYS A 421 -18.00 22.04 15.77
CA LYS A 421 -18.15 20.60 16.10
C LYS A 421 -18.90 19.88 14.98
N LEU A 422 -19.84 20.55 14.31
CA LEU A 422 -20.81 19.88 13.42
C LEU A 422 -21.45 20.88 12.46
N VAL A 423 -21.63 20.45 11.23
CA VAL A 423 -22.50 21.13 10.25
C VAL A 423 -23.79 20.33 10.19
N VAL A 424 -24.93 21.01 10.21
CA VAL A 424 -26.26 20.37 10.06
C VAL A 424 -26.94 20.98 8.85
N THR A 425 -27.36 20.13 7.93
CA THR A 425 -28.15 20.54 6.76
C THR A 425 -29.51 19.83 6.84
N LEU A 426 -30.59 20.59 6.78
CA LEU A 426 -31.96 20.07 6.53
C LEU A 426 -32.15 19.98 5.01
N THR A 427 -32.14 18.76 4.48
CA THR A 427 -31.98 18.47 3.03
C THR A 427 -33.10 17.51 2.61
N LYS A 428 -33.89 17.87 1.60
CA LYS A 428 -35.03 17.07 1.08
C LYS A 428 -34.46 15.90 0.26
N THR A 429 -33.53 16.18 -0.66
CA THR A 429 -32.97 15.21 -1.63
C THR A 429 -31.51 14.86 -1.32
N GLY A 430 -30.87 15.48 -0.32
CA GLY A 430 -29.42 15.31 -0.08
C GLY A 430 -28.51 16.23 -0.87
N HIS A 431 -28.99 17.04 -1.83
CA HIS A 431 -28.16 17.93 -2.69
C HIS A 431 -27.26 18.85 -1.84
N THR A 432 -27.79 19.48 -0.80
CA THR A 432 -27.02 20.41 0.07
C THR A 432 -25.92 19.61 0.79
N ALA A 433 -26.24 18.40 1.22
CA ALA A 433 -25.27 17.54 1.94
C ALA A 433 -24.15 17.10 1.00
N ARG A 434 -24.46 16.83 -0.26
CA ARG A 434 -23.44 16.43 -1.28
C ARG A 434 -22.52 17.64 -1.54
N LEU A 435 -23.10 18.82 -1.66
CA LEU A 435 -22.30 20.02 -1.98
C LEU A 435 -21.48 20.39 -0.74
N ILE A 436 -22.02 20.24 0.47
CA ILE A 436 -21.15 20.50 1.66
C ILE A 436 -20.01 19.47 1.72
N SER A 437 -20.30 18.18 1.53
CA SER A 437 -19.28 17.08 1.58
C SER A 437 -18.20 17.31 0.51
N LYS A 438 -18.58 17.76 -0.69
CA LYS A 438 -17.63 18.11 -1.77
C LYS A 438 -16.52 19.05 -1.25
N TYR A 439 -16.87 20.06 -0.45
CA TYR A 439 -15.94 21.12 0.05
C TYR A 439 -15.10 20.58 1.21
N ARG A 440 -15.37 19.36 1.68
CA ARG A 440 -14.60 18.68 2.75
C ARG A 440 -14.40 19.64 3.92
N PRO A 441 -15.47 20.09 4.61
CA PRO A 441 -15.31 20.93 5.79
C PRO A 441 -14.54 20.21 6.92
N ASN A 442 -14.00 21.03 7.82
CA ASN A 442 -13.30 20.51 9.01
C ASN A 442 -14.37 20.30 10.10
N ALA A 443 -15.32 19.39 9.83
CA ALA A 443 -16.43 19.01 10.73
C ALA A 443 -17.25 17.86 10.14
N ASP A 444 -17.92 17.10 11.01
CA ASP A 444 -18.93 16.09 10.62
C ASP A 444 -20.13 16.82 10.00
N ILE A 445 -20.78 16.20 9.01
CA ILE A 445 -22.01 16.76 8.38
C ILE A 445 -23.23 15.91 8.80
N LEU A 446 -24.10 16.43 9.68
CA LEU A 446 -25.40 15.78 10.04
C LEU A 446 -26.41 16.17 8.98
N ALA A 447 -26.78 15.21 8.14
CA ALA A 447 -27.81 15.42 7.12
C ALA A 447 -29.15 14.95 7.69
N LEU A 448 -30.02 15.90 8.05
CA LEU A 448 -31.43 15.65 8.45
C LEU A 448 -32.29 15.66 7.19
N THR A 449 -32.77 14.48 6.82
CA THR A 449 -33.63 14.26 5.65
C THR A 449 -34.92 13.54 6.12
N PHE A 450 -35.91 13.45 5.23
CA PHE A 450 -37.31 13.16 5.58
C PHE A 450 -37.75 11.85 4.92
N ASP A 451 -36.82 11.08 4.36
CA ASP A 451 -37.16 9.75 3.79
C ASP A 451 -35.92 8.88 3.81
N GLU A 452 -36.11 7.58 3.96
CA GLU A 452 -35.08 6.55 4.10
C GLU A 452 -34.25 6.40 2.83
N LEU A 453 -34.81 6.65 1.66
CA LEU A 453 -34.07 6.48 0.37
C LEU A 453 -32.99 7.57 0.33
N THR A 454 -33.34 8.81 0.60
CA THR A 454 -32.35 9.92 0.66
C THR A 454 -31.32 9.56 1.73
N GLU A 455 -31.79 9.08 2.89
CA GLU A 455 -30.92 8.72 4.06
C GLU A 455 -29.85 7.69 3.64
N ARG A 456 -30.25 6.55 3.07
CA ARG A 456 -29.31 5.47 2.64
C ARG A 456 -28.46 6.00 1.49
N GLY A 457 -29.01 6.87 0.65
CA GLY A 457 -28.40 7.40 -0.57
C GLY A 457 -27.23 8.31 -0.27
N LEU A 458 -27.08 8.79 0.98
CA LEU A 458 -25.96 9.67 1.41
C LEU A 458 -24.90 8.89 2.16
N MET A 459 -25.01 7.58 2.28
CA MET A 459 -24.13 6.86 3.24
C MET A 459 -22.71 6.67 2.70
N LEU A 460 -22.44 6.95 1.42
CA LEU A 460 -21.06 6.94 0.90
C LEU A 460 -20.49 8.33 0.64
N ASN A 461 -21.20 9.42 0.98
CA ASN A 461 -20.62 10.77 0.85
C ASN A 461 -19.69 11.05 2.04
N TRP A 462 -18.49 11.57 1.77
CA TRP A 462 -17.47 11.90 2.79
C TRP A 462 -18.09 12.72 3.92
N GLY A 463 -17.87 12.32 5.17
CA GLY A 463 -18.25 13.16 6.31
C GLY A 463 -19.74 13.20 6.63
N VAL A 464 -20.61 12.61 5.81
CA VAL A 464 -22.08 12.75 6.00
C VAL A 464 -22.61 11.66 6.96
N ILE A 465 -23.29 12.12 8.01
CA ILE A 465 -24.06 11.27 8.97
C ILE A 465 -25.52 11.50 8.67
N PRO A 466 -26.16 10.60 7.86
CA PRO A 466 -27.53 10.80 7.46
C PRO A 466 -28.43 10.43 8.65
N MET A 467 -29.53 11.16 8.83
CA MET A 467 -30.48 10.86 9.93
C MET A 467 -31.89 11.28 9.49
N LEU A 468 -32.85 10.38 9.71
CA LEU A 468 -34.28 10.60 9.38
C LEU A 468 -34.92 11.47 10.47
N THR A 469 -35.69 12.48 10.06
CA THR A 469 -36.50 13.34 10.94
C THR A 469 -37.82 13.62 10.22
N ASP A 470 -38.81 14.19 10.90
CA ASP A 470 -40.10 14.59 10.31
C ASP A 470 -39.86 15.79 9.40
N ALA A 471 -40.46 15.83 8.21
CA ALA A 471 -40.44 17.05 7.36
C ALA A 471 -40.92 18.19 8.25
N PRO A 472 -40.23 19.33 8.34
CA PRO A 472 -40.68 20.39 9.23
C PRO A 472 -41.86 21.16 8.61
N SER A 473 -42.84 21.52 9.45
CA SER A 473 -44.00 22.39 9.10
C SER A 473 -43.52 23.82 8.95
N SER A 474 -44.30 24.69 8.31
CA SER A 474 -43.95 26.11 8.03
C SER A 474 -43.93 26.93 9.32
N THR A 475 -44.32 26.33 10.45
CA THR A 475 -44.34 26.95 11.79
C THR A 475 -43.30 26.29 12.71
N ASP A 476 -42.54 25.29 12.26
CA ASP A 476 -41.45 24.68 13.08
C ASP A 476 -40.21 25.59 13.10
N ASP A 477 -39.43 25.52 14.17
CA ASP A 477 -38.07 26.12 14.24
C ASP A 477 -37.06 25.05 13.79
N MET A 478 -36.67 25.07 12.51
CA MET A 478 -35.69 24.11 11.96
C MET A 478 -34.34 24.18 12.67
N PHE A 479 -33.97 25.34 13.22
CA PHE A 479 -32.67 25.54 13.94
C PHE A 479 -32.75 24.87 15.31
N GLU A 480 -33.93 24.91 15.93
CA GLU A 480 -34.15 24.21 17.23
C GLU A 480 -34.10 22.72 16.97
N ILE A 481 -34.71 22.26 15.87
CA ILE A 481 -34.75 20.81 15.50
C ILE A 481 -33.31 20.33 15.29
N ALA A 482 -32.54 21.09 14.52
CA ALA A 482 -31.15 20.74 14.13
C ALA A 482 -30.40 20.47 15.42
N GLU A 483 -30.50 21.39 16.36
CA GLU A 483 -29.72 21.34 17.61
C GLU A 483 -30.16 20.11 18.42
N ARG A 484 -31.47 19.90 18.52
CA ARG A 484 -32.02 18.80 19.35
C ARG A 484 -31.57 17.46 18.74
N LYS A 485 -31.73 17.29 17.43
CA LYS A 485 -31.36 16.01 16.76
C LYS A 485 -29.86 15.76 16.98
N ALA A 486 -29.05 16.81 16.93
CA ALA A 486 -27.58 16.68 17.08
C ALA A 486 -27.29 16.25 18.51
N VAL A 487 -28.00 16.84 19.49
CA VAL A 487 -27.78 16.54 20.93
C VAL A 487 -28.26 15.10 21.21
N GLU A 488 -29.40 14.69 20.65
CA GLU A 488 -29.97 13.32 20.84
C GLU A 488 -29.04 12.28 20.19
N ALA A 489 -28.37 12.62 19.10
CA ALA A 489 -27.40 11.71 18.45
C ALA A 489 -26.11 11.64 19.27
N GLY A 490 -25.96 12.41 20.34
CA GLY A 490 -24.69 12.47 21.07
C GLY A 490 -23.55 13.07 20.24
N LEU A 491 -23.81 13.96 19.27
CA LEU A 491 -22.72 14.51 18.40
C LEU A 491 -22.12 15.78 19.02
N VAL A 492 -22.94 16.49 19.79
CA VAL A 492 -22.63 17.81 20.36
C VAL A 492 -23.13 17.84 21.80
N GLU A 493 -22.51 18.68 22.63
CA GLU A 493 -22.92 18.99 24.02
C GLU A 493 -22.91 20.51 24.20
N SER A 494 -23.55 20.99 25.25
CA SER A 494 -23.70 22.42 25.59
C SER A 494 -22.35 23.13 25.47
N GLY A 495 -22.31 24.30 24.83
CA GLY A 495 -21.06 25.04 24.58
C GLY A 495 -20.48 24.81 23.18
N ASP A 496 -20.84 23.71 22.51
CA ASP A 496 -20.34 23.41 21.15
C ASP A 496 -20.95 24.44 20.19
N ASP A 497 -20.17 24.87 19.20
CA ASP A 497 -20.67 25.74 18.11
C ASP A 497 -20.98 24.84 16.92
N ILE A 498 -22.10 25.07 16.27
CA ILE A 498 -22.52 24.27 15.11
C ILE A 498 -22.94 25.27 14.05
N VAL A 499 -22.80 24.86 12.81
CA VAL A 499 -23.32 25.59 11.65
C VAL A 499 -24.51 24.80 11.15
N ILE A 500 -25.64 25.48 10.90
CA ILE A 500 -26.89 24.87 10.39
C ILE A 500 -27.30 25.60 9.13
N VAL A 501 -27.69 24.84 8.12
CA VAL A 501 -28.23 25.36 6.85
C VAL A 501 -29.59 24.70 6.58
N ALA A 502 -30.45 25.44 5.90
CA ALA A 502 -31.86 25.16 5.62
C ALA A 502 -32.34 26.09 4.51
N GLY A 503 -33.38 25.64 3.81
CA GLY A 503 -34.18 26.49 2.91
C GLY A 503 -35.31 27.09 3.73
N VAL A 504 -35.23 28.40 4.02
CA VAL A 504 -36.24 29.08 4.88
C VAL A 504 -36.92 30.17 4.08
N PRO A 505 -38.27 30.33 4.26
CA PRO A 505 -39.09 29.39 5.03
C PRO A 505 -39.54 28.18 4.20
N VAL A 506 -39.88 27.07 4.86
CA VAL A 506 -40.44 25.85 4.22
C VAL A 506 -41.67 26.26 3.39
N GLY A 507 -41.73 25.80 2.14
CA GLY A 507 -42.85 26.09 1.23
C GLY A 507 -42.64 27.35 0.41
N GLU A 508 -41.70 28.21 0.79
CA GLU A 508 -41.39 29.44 0.02
C GLU A 508 -39.98 29.32 -0.60
N ALA A 509 -39.00 28.84 0.16
CA ALA A 509 -37.58 28.66 -0.23
C ALA A 509 -37.49 27.72 -1.45
N VAL A 510 -36.79 28.13 -2.48
CA VAL A 510 -36.45 27.30 -3.67
C VAL A 510 -35.24 26.39 -3.41
N ARG A 511 -34.44 26.66 -2.37
CA ARG A 511 -33.14 25.97 -2.12
C ARG A 511 -32.65 26.33 -0.72
N THR A 512 -31.60 25.66 -0.27
CA THR A 512 -30.82 26.05 0.91
C THR A 512 -30.38 27.51 0.68
N ASN A 513 -30.80 28.39 1.58
CA ASN A 513 -30.63 29.85 1.36
C ASN A 513 -30.16 30.51 2.67
N THR A 514 -29.95 29.74 3.75
CA THR A 514 -29.77 30.31 5.11
C THR A 514 -28.69 29.52 5.82
N MET A 515 -27.77 30.23 6.45
CA MET A 515 -26.75 29.67 7.36
C MET A 515 -26.89 30.36 8.72
N ARG A 516 -26.88 29.56 9.78
CA ARG A 516 -26.98 30.02 11.19
C ARG A 516 -25.79 29.43 11.94
N ILE A 517 -25.08 30.26 12.68
CA ILE A 517 -24.01 29.81 13.61
C ILE A 517 -24.66 29.80 14.99
N ARG A 518 -24.62 28.66 15.69
CA ARG A 518 -25.45 28.46 16.89
C ARG A 518 -24.62 27.76 17.96
N THR A 519 -24.72 28.23 19.22
CA THR A 519 -24.04 27.58 20.38
C THR A 519 -25.06 26.67 21.05
N VAL A 520 -24.76 25.38 21.19
CA VAL A 520 -25.67 24.38 21.81
C VAL A 520 -25.91 24.80 23.28
N ARG A 521 -27.18 24.84 23.74
CA ARG A 521 -27.59 25.20 25.14
C ARG A 521 -26.96 24.20 26.14
N ASN B 22 16.31 7.49 -16.75
CA ASN B 22 17.23 6.93 -15.69
C ASN B 22 16.50 6.97 -14.35
N LYS B 23 16.63 5.92 -13.57
CA LYS B 23 15.90 5.78 -12.28
C LYS B 23 16.61 6.61 -11.22
N ARG B 24 15.93 7.62 -10.67
CA ARG B 24 16.49 8.53 -9.64
C ARG B 24 16.29 7.96 -8.24
N VAL B 25 15.18 7.23 -8.02
CA VAL B 25 14.92 6.60 -6.70
C VAL B 25 15.79 5.34 -6.62
N LYS B 26 16.57 5.23 -5.56
CA LYS B 26 17.57 4.14 -5.42
C LYS B 26 16.90 2.91 -4.79
N ILE B 27 17.37 1.72 -5.15
CA ILE B 27 16.84 0.41 -4.65
C ILE B 27 17.90 -0.26 -3.79
N VAL B 28 17.55 -0.57 -2.55
CA VAL B 28 18.28 -1.48 -1.64
C VAL B 28 17.63 -2.87 -1.78
N ALA B 29 18.38 -3.86 -2.28
CA ALA B 29 17.92 -5.25 -2.43
C ALA B 29 18.62 -6.13 -1.40
N THR B 30 17.86 -6.74 -0.49
CA THR B 30 18.39 -7.70 0.49
C THR B 30 18.78 -9.00 -0.23
N LEU B 31 20.03 -9.45 -0.07
CA LEU B 31 20.50 -10.70 -0.73
C LEU B 31 20.33 -11.85 0.27
N GLY B 32 20.26 -13.06 -0.26
CA GLY B 32 20.02 -14.28 0.52
C GLY B 32 20.08 -15.51 -0.40
N PRO B 33 19.56 -16.68 0.07
CA PRO B 33 19.63 -17.91 -0.71
C PRO B 33 18.92 -17.86 -2.07
N ALA B 34 17.93 -16.96 -2.23
CA ALA B 34 16.99 -16.93 -3.38
C ALA B 34 17.76 -16.78 -4.69
N VAL B 35 18.89 -16.09 -4.68
CA VAL B 35 19.68 -15.79 -5.92
C VAL B 35 20.87 -16.77 -6.05
N GLU B 36 21.17 -17.52 -4.97
CA GLU B 36 22.39 -18.35 -4.77
C GLU B 36 22.18 -19.80 -5.25
N ILE B 37 22.67 -20.13 -6.44
CA ILE B 37 22.76 -21.54 -6.95
C ILE B 37 23.82 -22.30 -6.14
N ARG B 38 23.41 -23.35 -5.43
CA ARG B 38 24.35 -24.16 -4.63
C ARG B 38 24.47 -25.55 -5.26
N GLY B 39 25.67 -25.92 -5.72
CA GLY B 39 25.86 -27.26 -6.29
C GLY B 39 24.91 -27.56 -7.42
N GLY B 40 24.59 -26.57 -8.26
CA GLY B 40 23.71 -26.76 -9.43
C GLY B 40 22.23 -26.75 -9.08
N LYS B 41 21.91 -26.65 -7.81
CA LYS B 41 20.51 -26.62 -7.27
C LYS B 41 20.04 -25.19 -6.90
N LYS B 42 18.91 -24.76 -7.47
CA LYS B 42 18.26 -23.45 -7.19
C LYS B 42 17.68 -23.51 -5.77
N PHE B 43 17.35 -22.37 -5.19
CA PHE B 43 16.89 -22.28 -3.77
C PHE B 43 15.58 -23.07 -3.60
N GLY B 44 15.46 -23.75 -2.46
CA GLY B 44 14.26 -24.47 -2.03
C GLY B 44 14.22 -25.92 -2.52
N GLU B 45 15.24 -26.41 -3.23
CA GLU B 45 15.20 -27.81 -3.75
C GLU B 45 15.86 -28.78 -2.74
N ASP B 46 15.76 -30.07 -3.06
CA ASP B 46 16.34 -31.25 -2.37
C ASP B 46 17.81 -31.04 -1.99
N GLY B 47 18.18 -31.33 -0.73
CA GLY B 47 19.56 -31.24 -0.21
C GLY B 47 20.28 -30.02 -0.77
N TYR B 48 19.58 -28.88 -0.84
CA TYR B 48 20.10 -27.55 -1.28
C TYR B 48 21.10 -27.04 -0.23
N TRP B 49 20.64 -26.81 1.01
CA TRP B 49 21.46 -26.36 2.17
C TRP B 49 22.57 -27.39 2.46
N GLY B 50 22.49 -28.59 1.86
CA GLY B 50 23.54 -29.62 1.84
C GLY B 50 24.66 -29.32 0.85
N GLU B 51 24.33 -28.96 -0.39
CA GLU B 51 25.35 -28.59 -1.41
C GLU B 51 26.09 -27.32 -0.97
N LYS B 52 27.27 -27.05 -1.55
CA LYS B 52 28.07 -25.81 -1.27
C LYS B 52 27.92 -24.85 -2.45
N LEU B 53 28.01 -23.54 -2.14
CA LEU B 53 27.67 -22.39 -3.02
C LEU B 53 28.52 -22.38 -4.30
N ASP B 54 27.88 -22.30 -5.46
CA ASP B 54 28.52 -22.23 -6.81
C ASP B 54 28.68 -20.74 -7.19
N VAL B 55 29.84 -20.16 -6.84
CA VAL B 55 30.07 -18.69 -6.77
C VAL B 55 29.79 -18.04 -8.13
N GLU B 56 30.34 -18.54 -9.24
CA GLU B 56 30.29 -17.84 -10.55
C GLU B 56 28.84 -17.74 -11.05
N ALA B 57 28.01 -18.77 -10.80
CA ALA B 57 26.61 -18.84 -11.25
C ALA B 57 25.73 -17.93 -10.39
N SER B 58 25.79 -18.07 -9.06
CA SER B 58 25.30 -17.12 -8.04
C SER B 58 25.62 -15.67 -8.41
N ALA B 59 26.83 -15.39 -8.90
CA ALA B 59 27.30 -14.02 -9.14
C ALA B 59 26.61 -13.47 -10.38
N LYS B 60 26.31 -14.34 -11.36
CA LYS B 60 25.62 -13.99 -12.63
C LYS B 60 24.17 -13.56 -12.32
N ASN B 61 23.51 -14.25 -11.38
CA ASN B 61 22.16 -13.92 -10.88
C ASN B 61 22.21 -12.52 -10.26
N ILE B 62 23.13 -12.30 -9.33
CA ILE B 62 23.26 -11.00 -8.61
C ILE B 62 23.55 -9.90 -9.63
N ALA B 63 24.31 -10.21 -10.67
CA ALA B 63 24.65 -9.20 -11.69
C ALA B 63 23.34 -8.75 -12.34
N LYS B 64 22.38 -9.67 -12.41
CA LYS B 64 21.10 -9.41 -13.12
C LYS B 64 20.26 -8.44 -12.26
N LEU B 65 20.25 -8.60 -10.94
CA LEU B 65 19.65 -7.62 -9.99
C LEU B 65 20.28 -6.25 -10.24
N ILE B 66 21.60 -6.17 -10.40
CA ILE B 66 22.34 -4.88 -10.52
C ILE B 66 21.86 -4.21 -11.80
N GLU B 67 21.84 -4.93 -12.93
CA GLU B 67 21.43 -4.40 -14.25
C GLU B 67 19.97 -3.93 -14.17
N ALA B 68 19.13 -4.60 -13.39
CA ALA B 68 17.69 -4.27 -13.23
C ALA B 68 17.47 -3.03 -12.33
N GLY B 69 18.50 -2.53 -11.64
CA GLY B 69 18.43 -1.25 -10.90
C GLY B 69 18.67 -1.35 -9.40
N ALA B 70 19.08 -2.49 -8.85
CA ALA B 70 19.55 -2.53 -7.44
C ALA B 70 20.86 -1.73 -7.35
N ASN B 71 20.94 -0.77 -6.42
CA ASN B 71 22.03 0.22 -6.32
C ASN B 71 22.88 -0.10 -5.06
N THR B 72 22.36 -0.96 -4.19
CA THR B 72 23.00 -1.36 -2.93
C THR B 72 22.39 -2.70 -2.53
N PHE B 73 23.27 -3.62 -2.06
CA PHE B 73 22.92 -4.91 -1.43
C PHE B 73 23.01 -4.77 0.09
N ARG B 74 21.95 -5.24 0.73
CA ARG B 74 21.77 -5.33 2.19
C ARG B 74 22.08 -6.77 2.59
N PHE B 75 23.03 -6.93 3.52
CA PHE B 75 23.43 -8.22 4.16
C PHE B 75 22.90 -8.15 5.58
N ASN B 76 21.86 -8.93 5.89
CA ASN B 76 21.13 -8.88 7.18
C ASN B 76 21.81 -9.86 8.15
N PHE B 77 22.44 -9.33 9.20
CA PHE B 77 23.25 -10.13 10.16
C PHE B 77 22.34 -10.74 11.24
N SER B 78 21.05 -10.87 10.95
CA SER B 78 20.05 -11.55 11.81
C SER B 78 19.91 -13.01 11.39
N HIS B 79 20.43 -13.33 10.19
CA HIS B 79 20.46 -14.66 9.55
C HIS B 79 21.85 -14.88 8.97
N GLY B 80 22.55 -15.93 9.41
CA GLY B 80 23.85 -16.34 8.85
C GLY B 80 25.02 -16.02 9.77
N ASP B 81 25.81 -17.03 10.09
CA ASP B 81 27.20 -16.94 10.58
C ASP B 81 27.99 -15.91 9.76
N HIS B 82 29.15 -15.47 10.26
CA HIS B 82 30.11 -14.61 9.53
C HIS B 82 30.54 -15.26 8.21
N GLN B 83 30.59 -16.59 8.13
CA GLN B 83 31.11 -17.26 6.90
C GLN B 83 30.12 -17.07 5.75
N GLU B 84 28.81 -17.21 6.00
CA GLU B 84 27.74 -17.03 4.99
C GLU B 84 27.83 -15.61 4.41
N GLN B 85 27.90 -14.63 5.30
CA GLN B 85 27.96 -13.17 4.96
C GLN B 85 29.17 -12.90 4.08
N GLY B 86 30.37 -13.27 4.55
CA GLY B 86 31.66 -13.04 3.87
C GLY B 86 31.64 -13.60 2.46
N GLU B 87 31.06 -14.78 2.29
CA GLU B 87 31.05 -15.49 0.98
C GLU B 87 30.05 -14.78 0.03
N ARG B 88 28.88 -14.45 0.57
CA ARG B 88 27.85 -13.65 -0.14
C ARG B 88 28.50 -12.31 -0.58
N MET B 89 29.13 -11.59 0.35
CA MET B 89 29.83 -10.30 0.07
C MET B 89 30.85 -10.49 -1.06
N ALA B 90 31.60 -11.60 -1.06
CA ALA B 90 32.58 -11.91 -2.13
C ALA B 90 31.85 -12.16 -3.46
N THR B 91 30.69 -12.81 -3.45
CA THR B 91 29.89 -13.10 -4.68
C THR B 91 29.49 -11.79 -5.38
N VAL B 92 29.04 -10.80 -4.62
CA VAL B 92 28.67 -9.44 -5.14
C VAL B 92 29.89 -8.79 -5.83
N LYS B 93 31.07 -8.83 -5.18
CA LYS B 93 32.32 -8.28 -5.78
C LYS B 93 32.47 -8.86 -7.18
N LEU B 94 32.30 -10.17 -7.37
CA LEU B 94 32.41 -10.77 -8.73
C LEU B 94 31.27 -10.24 -9.61
N ALA B 95 30.07 -10.14 -9.03
CA ALA B 95 28.82 -9.69 -9.71
C ALA B 95 29.03 -8.31 -10.33
N GLU B 96 29.60 -7.38 -9.55
CA GLU B 96 29.95 -6.04 -10.06
C GLU B 96 30.82 -6.18 -11.31
N LYS B 97 31.77 -7.12 -11.31
CA LYS B 97 32.72 -7.30 -12.46
C LYS B 97 31.95 -7.91 -13.63
N ILE B 98 31.07 -8.88 -13.40
CA ILE B 98 30.21 -9.42 -14.51
C ILE B 98 29.37 -8.28 -15.09
N ALA B 99 28.64 -7.54 -14.25
CA ALA B 99 27.72 -6.46 -14.66
C ALA B 99 28.50 -5.28 -15.24
N GLY B 100 29.70 -5.03 -14.75
CA GLY B 100 30.50 -3.86 -15.16
C GLY B 100 29.90 -2.61 -14.55
N LYS B 101 29.31 -2.75 -13.35
CA LYS B 101 28.67 -1.67 -12.57
C LYS B 101 28.90 -1.97 -11.09
N LYS B 102 29.23 -0.96 -10.31
CA LYS B 102 29.41 -1.05 -8.84
C LYS B 102 28.10 -0.78 -8.12
N VAL B 103 27.96 -1.32 -6.92
CA VAL B 103 26.81 -1.13 -6.01
C VAL B 103 27.38 -0.79 -4.64
N GLY B 104 26.58 -0.29 -3.72
CA GLY B 104 26.97 -0.12 -2.32
C GLY B 104 26.80 -1.44 -1.59
N PHE B 105 27.46 -1.57 -0.42
CA PHE B 105 27.44 -2.76 0.45
C PHE B 105 26.92 -2.27 1.79
N LEU B 106 25.70 -2.68 2.16
CA LEU B 106 25.06 -2.23 3.43
C LEU B 106 24.96 -3.43 4.38
N LEU B 107 25.34 -3.21 5.63
CA LEU B 107 25.29 -4.24 6.69
C LEU B 107 24.17 -3.83 7.64
N ASP B 108 23.21 -4.72 7.86
CA ASP B 108 22.05 -4.52 8.77
C ASP B 108 22.33 -5.31 10.04
N THR B 109 22.40 -4.64 11.19
CA THR B 109 22.74 -5.30 12.48
C THR B 109 21.53 -6.09 13.01
N LYS B 110 21.81 -7.18 13.73
CA LYS B 110 20.82 -7.93 14.56
C LYS B 110 20.15 -6.95 15.53
N GLY B 111 20.91 -6.25 16.35
CA GLY B 111 20.35 -5.23 17.27
C GLY B 111 19.60 -5.85 18.44
N PRO B 112 19.07 -5.00 19.36
CA PRO B 112 18.38 -5.46 20.56
C PRO B 112 17.02 -6.11 20.26
N GLU B 113 17.06 -7.33 19.72
CA GLU B 113 15.85 -8.07 19.29
C GLU B 113 15.79 -9.43 19.99
N ILE B 114 14.80 -10.25 19.62
CA ILE B 114 14.35 -11.51 20.31
C ILE B 114 13.90 -12.48 19.22
N ARG B 115 14.27 -13.76 19.27
CA ARG B 115 13.91 -14.77 18.24
C ARG B 115 13.55 -16.10 18.92
N THR B 116 13.40 -17.19 18.18
CA THR B 116 12.59 -18.36 18.60
C THR B 116 13.41 -19.66 18.67
N GLU B 117 14.74 -19.58 18.66
CA GLU B 117 15.61 -20.76 18.97
C GLU B 117 15.26 -21.92 18.04
N LEU B 118 15.13 -23.14 18.56
CA LEU B 118 14.84 -24.40 17.79
C LEU B 118 13.87 -25.30 18.58
N PHE B 119 13.28 -26.29 17.89
CA PHE B 119 12.28 -27.22 18.48
C PHE B 119 12.90 -28.61 18.70
N GLU B 120 12.63 -29.21 19.87
CA GLU B 120 13.06 -30.59 20.24
C GLU B 120 12.46 -31.57 19.21
N GLY B 121 13.20 -32.64 18.88
CA GLY B 121 12.76 -33.69 17.94
C GLY B 121 12.94 -33.23 16.50
N GLU B 122 12.05 -33.69 15.61
CA GLU B 122 12.10 -33.47 14.13
C GLU B 122 11.35 -32.17 13.74
N ALA B 123 10.70 -31.46 14.69
CA ALA B 123 9.82 -30.29 14.45
C ALA B 123 10.60 -29.07 13.92
N LYS B 124 10.03 -28.35 12.93
CA LYS B 124 10.49 -27.00 12.47
C LYS B 124 9.43 -25.92 12.77
N GLU B 125 8.19 -26.33 13.09
CA GLU B 125 7.05 -25.42 13.32
C GLU B 125 5.93 -26.19 14.01
N TYR B 126 4.83 -25.51 14.33
CA TYR B 126 3.60 -26.13 14.91
C TYR B 126 2.35 -25.34 14.50
N SER B 127 1.24 -26.07 14.40
CA SER B 127 -0.14 -25.58 14.17
C SER B 127 -0.79 -25.23 15.50
N TYR B 128 -1.26 -23.98 15.66
CA TYR B 128 -1.95 -23.58 16.93
C TYR B 128 -3.38 -23.09 16.66
N LYS B 129 -4.23 -23.05 17.70
CA LYS B 129 -5.65 -22.63 17.55
C LYS B 129 -6.07 -21.63 18.63
N THR B 130 -6.96 -20.72 18.26
CA THR B 130 -7.41 -19.64 19.16
C THR B 130 -7.97 -20.20 20.47
N GLY B 131 -7.52 -19.64 21.60
CA GLY B 131 -7.96 -20.03 22.95
C GLY B 131 -7.07 -21.11 23.53
N GLU B 132 -6.18 -21.65 22.69
CA GLU B 132 -5.22 -22.71 23.10
C GLU B 132 -4.26 -22.13 24.13
N LYS B 133 -4.00 -22.82 25.25
CA LYS B 133 -3.05 -22.26 26.27
C LYS B 133 -1.75 -23.09 26.28
N ILE B 134 -0.62 -22.47 25.87
CA ILE B 134 0.78 -23.04 25.83
C ILE B 134 1.75 -22.16 26.68
N ARG B 135 3.07 -22.35 26.54
CA ARG B 135 4.10 -21.68 27.41
C ARG B 135 5.20 -20.97 26.58
N VAL B 136 5.74 -19.86 27.11
CA VAL B 136 6.97 -19.17 26.61
C VAL B 136 8.05 -19.12 27.71
N ALA B 137 9.25 -19.61 27.39
CA ALA B 137 10.43 -19.64 28.29
C ALA B 137 11.26 -18.37 28.11
N THR B 138 11.75 -17.87 29.24
CA THR B 138 12.77 -16.78 29.36
C THR B 138 14.17 -17.35 29.65
N LYS B 139 14.24 -18.58 30.15
CA LYS B 139 15.50 -19.32 30.45
C LYS B 139 16.34 -19.31 29.17
N GLN B 140 17.44 -18.57 29.16
CA GLN B 140 18.26 -18.36 27.94
C GLN B 140 19.05 -19.62 27.58
N GLY B 141 19.19 -19.85 26.28
CA GLY B 141 20.11 -20.85 25.67
C GLY B 141 19.53 -22.25 25.67
N ILE B 142 18.22 -22.44 25.80
CA ILE B 142 17.58 -23.80 25.84
C ILE B 142 16.95 -24.13 24.48
N LYS B 143 15.93 -25.01 24.47
CA LYS B 143 15.26 -25.60 23.27
C LYS B 143 13.75 -25.34 23.34
N SER B 144 13.04 -25.37 22.20
CA SER B 144 11.58 -25.16 22.11
C SER B 144 10.82 -26.49 22.01
N THR B 145 9.71 -26.60 22.75
CA THR B 145 8.73 -27.72 22.65
C THR B 145 7.39 -27.10 22.24
N ARG B 146 6.48 -27.88 21.68
CA ARG B 146 5.19 -27.33 21.16
C ARG B 146 4.46 -26.61 22.30
N GLU B 147 4.63 -27.05 23.55
CA GLU B 147 3.95 -26.43 24.71
C GLU B 147 4.88 -25.41 25.40
N VAL B 148 6.12 -25.22 24.92
CA VAL B 148 7.20 -24.41 25.59
C VAL B 148 8.09 -23.79 24.53
N ILE B 149 7.72 -22.60 24.04
CA ILE B 149 8.53 -21.81 23.06
C ILE B 149 9.62 -21.11 23.86
N ALA B 150 10.88 -21.24 23.44
CA ALA B 150 12.06 -20.64 24.08
C ALA B 150 12.38 -19.34 23.35
N LEU B 151 12.70 -18.29 24.10
CA LEU B 151 13.11 -16.98 23.54
C LEU B 151 14.63 -16.84 23.65
N ASN B 152 15.28 -16.92 22.51
CA ASN B 152 16.66 -16.41 22.25
C ASN B 152 16.68 -14.88 22.29
N VAL B 153 17.19 -14.27 23.36
CA VAL B 153 17.19 -12.80 23.59
C VAL B 153 18.58 -12.22 23.27
N ALA B 154 18.65 -10.91 23.04
CA ALA B 154 19.93 -10.28 22.66
C ALA B 154 20.85 -10.33 23.86
N GLY B 155 22.02 -10.94 23.70
CA GLY B 155 23.00 -11.04 24.80
C GLY B 155 22.45 -11.83 25.96
N ALA B 156 21.56 -12.78 25.66
CA ALA B 156 20.98 -13.69 26.68
C ALA B 156 20.47 -12.93 27.91
N LEU B 157 19.67 -11.89 27.74
CA LEU B 157 19.14 -11.21 28.94
C LEU B 157 17.93 -11.98 29.48
N ASP B 158 17.63 -11.81 30.76
CA ASP B 158 16.45 -12.44 31.41
C ASP B 158 15.34 -11.38 31.37
N ILE B 159 14.33 -11.58 30.55
CA ILE B 159 13.22 -10.61 30.34
C ILE B 159 12.02 -10.97 31.22
N TYR B 160 12.09 -12.03 32.06
CA TYR B 160 10.95 -12.55 32.86
C TYR B 160 10.34 -11.43 33.72
N ASP B 161 11.17 -10.51 34.24
CA ASP B 161 10.70 -9.46 35.19
C ASP B 161 10.49 -8.13 34.42
N ASP B 162 10.43 -8.18 33.09
CA ASP B 162 10.14 -6.99 32.25
C ASP B 162 8.74 -7.10 31.64
N VAL B 163 8.09 -8.25 31.72
CA VAL B 163 6.85 -8.55 30.98
C VAL B 163 5.74 -8.94 31.96
N GLU B 164 4.64 -8.18 31.92
CA GLU B 164 3.45 -8.29 32.81
C GLU B 164 2.42 -9.19 32.13
N VAL B 165 1.56 -9.85 32.93
CA VAL B 165 0.35 -10.57 32.45
C VAL B 165 -0.48 -9.57 31.63
N GLY B 166 -1.21 -10.06 30.63
CA GLY B 166 -2.01 -9.23 29.69
C GLY B 166 -1.19 -8.60 28.56
N ARG B 167 0.14 -8.68 28.59
CA ARG B 167 1.01 -8.26 27.45
C ARG B 167 0.87 -9.24 26.28
N GLN B 168 1.30 -8.78 25.12
CA GLN B 168 1.22 -9.55 23.85
C GLN B 168 2.65 -9.91 23.43
N VAL B 169 2.84 -11.19 23.12
CA VAL B 169 4.06 -11.72 22.48
C VAL B 169 3.69 -12.03 21.02
N LEU B 170 4.31 -11.35 20.06
CA LEU B 170 4.02 -11.52 18.62
C LEU B 170 5.19 -12.20 17.91
N VAL B 171 4.86 -13.14 17.04
CA VAL B 171 5.86 -13.99 16.33
C VAL B 171 5.68 -13.88 14.81
N ASP B 172 6.79 -13.90 14.07
CA ASP B 172 6.81 -13.78 12.58
C ASP B 172 6.20 -12.45 12.14
N ASP B 173 6.71 -11.34 12.67
CA ASP B 173 6.24 -9.96 12.37
C ASP B 173 4.75 -9.79 12.68
N GLY B 174 4.30 -10.31 13.82
CA GLY B 174 2.90 -10.14 14.25
C GLY B 174 1.96 -11.10 13.57
N LYS B 175 2.50 -11.98 12.75
CA LYS B 175 1.67 -12.96 12.02
C LYS B 175 0.95 -13.86 13.02
N LEU B 176 1.53 -14.03 14.20
CA LEU B 176 0.95 -14.87 15.29
C LEU B 176 1.11 -14.17 16.64
N GLY B 177 0.02 -14.07 17.40
CA GLY B 177 -0.06 -13.37 18.69
C GLY B 177 -0.26 -14.34 19.84
N LEU B 178 0.38 -14.07 20.97
CA LEU B 178 0.20 -14.82 22.25
C LEU B 178 -0.09 -13.82 23.36
N ARG B 179 -1.21 -14.01 24.05
CA ARG B 179 -1.64 -13.23 25.24
C ARG B 179 -1.00 -13.85 26.48
N VAL B 180 -0.18 -13.10 27.20
CA VAL B 180 0.34 -13.54 28.53
C VAL B 180 -0.85 -13.55 29.50
N VAL B 181 -1.33 -14.74 29.84
CA VAL B 181 -2.52 -14.95 30.73
C VAL B 181 -2.03 -15.19 32.16
N ALA B 182 -0.74 -15.52 32.33
CA ALA B 182 -0.14 -15.78 33.66
C ALA B 182 1.40 -15.83 33.58
N LYS B 183 2.06 -15.96 34.74
CA LYS B 183 3.53 -16.15 34.89
C LYS B 183 3.83 -17.21 35.99
N ASP B 184 4.61 -18.23 35.64
CA ASP B 184 5.03 -19.32 36.55
C ASP B 184 6.43 -18.97 37.11
N ASP B 185 6.49 -18.44 38.34
CA ASP B 185 7.76 -18.11 39.06
C ASP B 185 8.71 -19.33 39.16
N ALA B 186 8.17 -20.53 39.38
CA ALA B 186 8.92 -21.80 39.58
C ALA B 186 9.81 -22.06 38.35
N THR B 187 9.34 -21.75 37.12
CA THR B 187 10.09 -22.05 35.86
C THR B 187 10.50 -20.77 35.12
N ARG B 188 10.03 -19.59 35.53
CA ARG B 188 10.24 -18.28 34.84
C ARG B 188 9.69 -18.36 33.40
N GLU B 189 8.46 -18.89 33.28
CA GLU B 189 7.75 -19.09 31.99
C GLU B 189 6.50 -18.22 31.99
N PHE B 190 6.14 -17.72 30.79
CA PHE B 190 4.84 -17.06 30.53
C PHE B 190 3.84 -18.15 30.13
N GLU B 191 2.65 -18.13 30.70
CA GLU B 191 1.49 -18.95 30.24
C GLU B 191 0.75 -18.10 29.20
N VAL B 192 0.68 -18.56 27.94
CA VAL B 192 0.14 -17.76 26.79
C VAL B 192 -1.04 -18.49 26.12
N GLU B 193 -2.11 -17.76 25.78
CA GLU B 193 -3.31 -18.26 25.05
C GLU B 193 -3.17 -17.77 23.61
N VAL B 194 -3.01 -18.69 22.65
CA VAL B 194 -2.79 -18.41 21.19
C VAL B 194 -4.00 -17.63 20.66
N GLU B 195 -3.78 -16.49 19.99
CA GLU B 195 -4.87 -15.51 19.69
C GLU B 195 -5.44 -15.78 18.30
N ASN B 196 -4.75 -16.54 17.47
CA ASN B 196 -5.01 -16.74 16.03
C ASN B 196 -4.01 -17.79 15.52
N ASP B 197 -4.24 -18.32 14.30
CA ASP B 197 -3.66 -19.60 13.82
C ASP B 197 -2.38 -19.31 13.01
N GLY B 198 -1.25 -20.04 13.23
CA GLY B 198 -0.08 -19.96 12.31
C GLY B 198 1.24 -20.55 12.83
N ILE B 199 2.34 -19.93 12.36
CA ILE B 199 3.72 -20.51 12.23
C ILE B 199 4.61 -19.98 13.36
N ILE B 200 5.35 -20.87 14.05
CA ILE B 200 6.46 -20.54 14.99
C ILE B 200 7.76 -21.08 14.35
N ALA B 201 8.83 -20.27 14.27
CA ALA B 201 10.03 -20.57 13.46
C ALA B 201 11.30 -20.02 14.12
N LYS B 202 12.46 -20.58 13.76
CA LYS B 202 13.80 -20.17 14.28
C LYS B 202 14.09 -18.72 13.87
N GLN B 203 14.87 -17.99 14.68
CA GLN B 203 15.35 -16.63 14.33
C GLN B 203 14.17 -15.82 13.77
N LYS B 204 12.95 -16.22 14.14
CA LYS B 204 11.71 -15.51 13.72
C LYS B 204 11.46 -14.43 14.76
N GLY B 205 11.39 -13.19 14.30
CA GLY B 205 11.22 -12.02 15.17
C GLY B 205 10.15 -12.26 16.22
N VAL B 206 10.35 -11.64 17.37
CA VAL B 206 9.40 -11.63 18.50
C VAL B 206 9.37 -10.20 18.96
N ASN B 207 8.19 -9.58 18.96
CA ASN B 207 7.98 -8.26 19.56
C ASN B 207 7.13 -8.46 20.80
N ILE B 208 7.45 -7.67 21.82
CA ILE B 208 6.66 -7.56 23.06
C ILE B 208 6.53 -6.07 23.27
N PRO B 209 5.53 -5.44 22.61
CA PRO B 209 5.36 -4.00 22.63
C PRO B 209 5.01 -3.52 24.03
N ASN B 210 5.32 -2.25 24.32
CA ASN B 210 5.05 -1.58 25.62
C ASN B 210 5.90 -2.23 26.71
N THR B 211 7.18 -2.49 26.43
CA THR B 211 8.09 -3.35 27.24
C THR B 211 9.43 -2.62 27.35
N LYS B 212 9.81 -2.23 28.57
CA LYS B 212 11.04 -1.42 28.84
C LYS B 212 12.21 -2.37 29.16
N ILE B 213 12.53 -3.31 28.27
CA ILE B 213 13.71 -4.22 28.43
C ILE B 213 14.98 -3.40 28.24
N PRO B 214 15.88 -3.35 29.25
CA PRO B 214 17.05 -2.48 29.16
C PRO B 214 18.19 -3.14 28.39
N PHE B 215 18.05 -3.31 27.07
CA PHE B 215 19.12 -3.83 26.18
C PHE B 215 20.30 -2.85 26.16
N PRO B 216 21.53 -3.32 25.82
CA PRO B 216 22.70 -2.44 25.89
C PRO B 216 22.72 -1.41 24.75
N ALA B 217 23.27 -0.23 25.02
CA ALA B 217 23.56 0.84 24.02
C ALA B 217 24.10 0.22 22.73
N LEU B 218 24.85 -0.89 22.84
CA LEU B 218 25.42 -1.66 21.69
C LEU B 218 25.89 -3.04 22.15
N ALA B 219 25.15 -4.11 21.85
CA ALA B 219 25.51 -5.49 22.24
C ALA B 219 26.87 -5.86 21.63
N GLU B 220 27.53 -6.89 22.19
CA GLU B 220 28.85 -7.42 21.79
C GLU B 220 28.75 -8.04 20.39
N ARG B 221 27.68 -8.82 20.15
CA ARG B 221 27.48 -9.61 18.90
C ARG B 221 27.43 -8.64 17.70
N ASP B 222 26.85 -7.46 17.92
CA ASP B 222 26.75 -6.36 16.91
C ASP B 222 28.13 -5.74 16.72
N ASN B 223 28.75 -5.32 17.83
CA ASN B 223 30.18 -4.87 17.84
C ASN B 223 30.98 -5.80 16.92
N ASP B 224 30.80 -7.12 17.08
CA ASP B 224 31.61 -8.15 16.40
C ASP B 224 31.21 -8.20 14.93
N ASP B 225 29.90 -8.29 14.65
CA ASP B 225 29.31 -8.31 13.29
C ASP B 225 29.85 -7.12 12.46
N ILE B 226 29.88 -5.93 13.07
CA ILE B 226 30.28 -4.67 12.41
C ILE B 226 31.75 -4.77 11.99
N ARG B 227 32.62 -5.10 12.95
CA ARG B 227 34.08 -5.24 12.72
C ARG B 227 34.28 -6.26 11.61
N PHE B 228 33.53 -7.36 11.64
CA PHE B 228 33.65 -8.38 10.57
C PHE B 228 33.33 -7.69 9.23
N GLY B 229 32.16 -7.04 9.15
CA GLY B 229 31.69 -6.34 7.94
C GLY B 229 32.67 -5.27 7.51
N LEU B 230 33.12 -4.47 8.48
CA LEU B 230 34.16 -3.42 8.26
C LEU B 230 35.40 -4.03 7.59
N GLU B 231 35.85 -5.22 8.02
CA GLU B 231 37.07 -5.87 7.45
C GLU B 231 36.75 -6.43 6.06
N GLN B 232 35.50 -6.82 5.77
CA GLN B 232 35.16 -7.31 4.40
C GLN B 232 35.15 -6.15 3.40
N GLY B 233 34.85 -4.93 3.86
CA GLY B 233 34.64 -3.74 3.00
C GLY B 233 33.17 -3.48 2.76
N ILE B 234 32.62 -2.56 3.54
CA ILE B 234 31.22 -2.10 3.40
C ILE B 234 31.21 -0.57 3.35
N ASN B 235 30.11 0.00 2.84
CA ASN B 235 29.91 1.47 2.67
C ASN B 235 28.92 2.00 3.69
N PHE B 236 28.00 1.16 4.16
CA PHE B 236 26.82 1.59 4.96
C PHE B 236 26.57 0.59 6.08
N ILE B 237 26.19 1.11 7.24
CA ILE B 237 25.66 0.29 8.35
C ILE B 237 24.26 0.81 8.70
N ALA B 238 23.28 -0.08 8.59
CA ALA B 238 21.90 0.11 9.08
C ALA B 238 21.83 -0.47 10.49
N ILE B 239 21.58 0.38 11.48
CA ILE B 239 21.68 0.00 12.90
C ILE B 239 20.27 -0.24 13.39
N SER B 240 19.88 -1.51 13.58
CA SER B 240 18.53 -1.91 14.04
C SER B 240 18.23 -1.24 15.39
N PHE B 241 16.98 -0.80 15.58
CA PHE B 241 16.37 -0.41 16.87
C PHE B 241 17.13 0.76 17.50
N VAL B 242 17.52 1.74 16.68
CA VAL B 242 18.12 2.98 17.24
C VAL B 242 17.09 3.63 18.15
N ARG B 243 17.50 3.91 19.38
CA ARG B 243 16.65 4.44 20.47
C ARG B 243 17.04 5.87 20.79
N THR B 244 18.34 6.20 20.65
CA THR B 244 18.96 7.49 21.10
C THR B 244 20.21 7.71 20.24
N ALA B 245 20.75 8.93 20.24
CA ALA B 245 21.96 9.26 19.45
C ALA B 245 23.10 8.33 19.91
N LYS B 246 23.10 7.94 21.18
CA LYS B 246 24.20 7.11 21.78
C LYS B 246 24.36 5.85 20.93
N ASP B 247 23.26 5.21 20.54
CA ASP B 247 23.31 3.98 19.69
C ASP B 247 24.06 4.26 18.37
N VAL B 248 23.93 5.46 17.82
CA VAL B 248 24.63 5.82 16.55
C VAL B 248 26.11 6.08 16.87
N ASN B 249 26.36 6.91 17.88
CA ASN B 249 27.71 7.37 18.29
C ASN B 249 28.56 6.15 18.64
N GLU B 250 27.98 5.17 19.34
CA GLU B 250 28.70 3.91 19.70
C GLU B 250 29.26 3.26 18.43
N VAL B 251 28.50 3.26 17.32
CA VAL B 251 28.90 2.61 16.02
C VAL B 251 29.87 3.50 15.26
N ARG B 252 29.67 4.83 15.36
CA ARG B 252 30.57 5.86 14.80
C ARG B 252 32.00 5.59 15.32
N ALA B 253 32.12 5.50 16.65
CA ALA B 253 33.37 5.18 17.42
C ALA B 253 34.10 4.02 16.76
N ILE B 254 33.43 2.89 16.52
CA ILE B 254 34.10 1.70 15.92
C ILE B 254 34.52 2.06 14.49
N CYS B 255 33.71 2.87 13.81
CA CYS B 255 33.98 3.20 12.38
C CYS B 255 35.25 4.06 12.30
N GLU B 256 35.39 5.08 13.18
CA GLU B 256 36.56 6.02 13.16
C GLU B 256 37.81 5.28 13.64
N GLU B 257 37.68 4.50 14.71
CA GLU B 257 38.76 3.72 15.37
C GLU B 257 39.40 2.74 14.37
N THR B 258 38.66 2.03 13.53
CA THR B 258 39.23 1.06 12.56
C THR B 258 39.72 1.77 11.28
N GLY B 259 39.65 3.10 11.21
CA GLY B 259 40.02 3.85 9.99
C GLY B 259 39.02 3.62 8.85
N ASN B 260 37.73 3.46 9.17
CA ASN B 260 36.62 3.33 8.19
C ASN B 260 35.66 4.51 8.41
N GLY B 261 36.19 5.72 8.61
CA GLY B 261 35.40 6.94 8.92
C GLY B 261 34.48 7.32 7.77
N HIS B 262 34.76 6.80 6.57
CA HIS B 262 33.97 6.96 5.32
C HIS B 262 32.62 6.22 5.37
N VAL B 263 32.41 5.30 6.32
CA VAL B 263 31.18 4.45 6.38
C VAL B 263 30.02 5.32 6.85
N GLN B 264 28.85 5.18 6.23
CA GLN B 264 27.65 5.96 6.63
C GLN B 264 26.72 5.10 7.47
N LEU B 265 26.16 5.72 8.50
CA LEU B 265 25.25 5.12 9.50
C LEU B 265 23.84 5.63 9.22
N PHE B 266 22.98 4.69 8.85
CA PHE B 266 21.50 4.85 8.80
C PHE B 266 20.91 4.25 10.07
N ALA B 267 20.36 5.12 10.91
CA ALA B 267 19.59 4.72 12.10
C ALA B 267 18.29 4.07 11.60
N LYS B 268 18.05 2.83 12.00
CA LYS B 268 16.72 2.17 11.84
C LYS B 268 15.79 2.61 12.97
N ILE B 269 14.76 3.39 12.63
CA ILE B 269 13.70 3.85 13.56
C ILE B 269 12.62 2.78 13.50
N GLU B 270 12.47 2.00 14.56
CA GLU B 270 11.43 0.94 14.59
C GLU B 270 10.78 0.83 15.97
N ASN B 271 10.76 1.90 16.77
CA ASN B 271 10.00 1.92 18.06
C ASN B 271 9.76 3.35 18.55
N GLN B 272 8.97 3.49 19.60
CA GLN B 272 8.49 4.80 20.10
C GLN B 272 9.69 5.64 20.56
N GLN B 273 10.72 5.02 21.10
CA GLN B 273 11.88 5.76 21.65
C GLN B 273 12.66 6.40 20.48
N GLY B 274 12.90 5.63 19.43
CA GLY B 274 13.39 6.09 18.12
C GLY B 274 12.65 7.34 17.64
N ILE B 275 11.32 7.33 17.71
CA ILE B 275 10.48 8.42 17.15
C ILE B 275 10.60 9.61 18.09
N ASP B 276 10.70 9.33 19.38
CA ASP B 276 10.73 10.37 20.43
C ASP B 276 12.04 11.15 20.28
N ASN B 277 13.16 10.47 19.98
CA ASN B 277 14.50 11.11 19.87
C ASN B 277 14.88 11.26 18.39
N LEU B 278 13.92 11.39 17.49
CA LEU B 278 14.23 11.36 16.03
C LEU B 278 15.21 12.49 15.65
N ASP B 279 15.00 13.71 16.16
CA ASP B 279 15.81 14.91 15.80
C ASP B 279 17.28 14.66 16.15
N GLU B 280 17.54 14.12 17.34
CA GLU B 280 18.93 13.88 17.85
C GLU B 280 19.51 12.70 17.07
N ILE B 281 18.68 11.73 16.67
CA ILE B 281 19.18 10.55 15.91
C ILE B 281 19.56 11.04 14.52
N ILE B 282 18.75 11.89 13.90
CA ILE B 282 19.04 12.40 12.53
C ILE B 282 20.39 13.13 12.54
N GLU B 283 20.66 13.96 13.56
CA GLU B 283 21.93 14.76 13.66
C GLU B 283 23.14 13.82 13.72
N ALA B 284 23.11 12.75 14.51
CA ALA B 284 24.26 11.84 14.69
C ALA B 284 24.43 10.93 13.47
N ALA B 285 23.35 10.65 12.74
CA ALA B 285 23.36 9.63 11.68
C ALA B 285 23.66 10.30 10.33
N ASP B 286 23.98 9.51 9.31
CA ASP B 286 24.11 9.93 7.89
C ASP B 286 22.74 9.75 7.18
N GLY B 287 21.74 9.20 7.87
CA GLY B 287 20.44 8.84 7.27
C GLY B 287 19.55 8.00 8.17
N ILE B 288 18.33 7.74 7.72
CA ILE B 288 17.28 6.96 8.44
C ILE B 288 16.77 5.88 7.49
N MET B 289 16.76 4.63 7.96
CA MET B 289 15.97 3.56 7.30
C MET B 289 14.67 3.47 8.08
N ILE B 290 13.53 3.72 7.44
CA ILE B 290 12.18 3.63 8.06
C ILE B 290 11.80 2.15 8.06
N ALA B 291 11.98 1.49 9.21
CA ALA B 291 11.94 0.03 9.34
C ALA B 291 10.51 -0.35 9.75
N ARG B 292 9.61 -0.30 8.79
CA ARG B 292 8.14 -0.31 9.06
C ARG B 292 7.71 -1.68 9.67
N GLY B 293 8.38 -2.78 9.31
CA GLY B 293 8.13 -4.12 9.90
C GLY B 293 7.92 -4.02 11.40
N ASP B 294 8.96 -3.69 12.16
CA ASP B 294 8.89 -3.63 13.64
C ASP B 294 8.13 -2.38 14.09
N MET B 295 8.27 -1.26 13.38
CA MET B 295 7.64 0.01 13.79
C MET B 295 6.13 -0.20 13.90
N GLY B 296 5.52 -0.92 12.95
CA GLY B 296 4.06 -1.11 12.91
C GLY B 296 3.56 -2.14 13.93
N ILE B 297 4.47 -2.76 14.67
CA ILE B 297 4.11 -3.62 15.84
C ILE B 297 4.43 -2.84 17.11
N GLU B 298 5.53 -2.09 17.10
CA GLU B 298 6.01 -1.43 18.34
C GLU B 298 5.18 -0.19 18.57
N VAL B 299 4.60 0.42 17.54
CA VAL B 299 3.70 1.60 17.69
C VAL B 299 2.40 1.28 16.98
N PRO B 300 1.31 2.04 17.19
CA PRO B 300 0.06 1.81 16.49
C PRO B 300 0.29 1.73 14.96
N PHE B 301 -0.09 0.62 14.34
CA PHE B 301 0.07 0.44 12.88
C PHE B 301 -0.48 1.68 12.12
N GLU B 302 -1.56 2.30 12.56
CA GLU B 302 -2.16 3.41 11.77
C GLU B 302 -1.31 4.69 11.82
N MET B 303 -0.28 4.78 12.67
CA MET B 303 0.59 5.97 12.83
C MET B 303 1.81 5.84 11.91
N VAL B 304 2.15 4.64 11.45
CA VAL B 304 3.35 4.44 10.62
C VAL B 304 3.30 5.36 9.40
N PRO B 305 2.18 5.55 8.64
CA PRO B 305 2.20 6.44 7.48
C PRO B 305 2.42 7.91 7.87
N VAL B 306 1.98 8.32 9.06
CA VAL B 306 2.28 9.66 9.58
C VAL B 306 3.79 9.84 9.74
N TYR B 307 4.43 8.89 10.44
CA TYR B 307 5.86 8.92 10.81
C TYR B 307 6.68 8.83 9.54
N GLN B 308 6.23 8.02 8.57
CA GLN B 308 6.95 7.85 7.30
C GLN B 308 7.12 9.23 6.62
N LYS B 309 6.04 9.97 6.44
CA LYS B 309 6.02 11.26 5.71
C LYS B 309 6.86 12.29 6.46
N MET B 310 6.70 12.37 7.79
CA MET B 310 7.40 13.34 8.63
C MET B 310 8.91 13.02 8.60
N ILE B 311 9.28 11.74 8.66
CA ILE B 311 10.71 11.32 8.70
C ILE B 311 11.35 11.65 7.35
N ILE B 312 10.67 11.35 6.25
CA ILE B 312 11.20 11.67 4.90
C ILE B 312 11.41 13.19 4.80
N LYS B 313 10.47 13.98 5.28
CA LYS B 313 10.60 15.45 5.15
C LYS B 313 11.83 15.89 5.95
N LYS B 314 11.99 15.40 7.18
CA LYS B 314 13.01 15.93 8.14
C LYS B 314 14.40 15.49 7.69
N VAL B 315 14.52 14.27 7.18
CA VAL B 315 15.82 13.76 6.72
C VAL B 315 16.24 14.51 5.46
N ASN B 316 15.35 14.71 4.50
CA ASN B 316 15.63 15.53 3.29
C ASN B 316 16.07 16.94 3.72
N ALA B 317 15.40 17.56 4.69
CA ALA B 317 15.73 18.92 5.17
C ALA B 317 17.15 18.96 5.72
N ALA B 318 17.67 17.83 6.23
CA ALA B 318 19.01 17.74 6.86
C ALA B 318 20.04 17.32 5.81
N GLY B 319 19.65 17.17 4.55
CA GLY B 319 20.60 16.82 3.49
C GLY B 319 21.08 15.38 3.63
N LYS B 320 20.26 14.49 4.21
CA LYS B 320 20.70 13.10 4.47
C LYS B 320 19.85 12.13 3.65
N VAL B 321 20.11 10.84 3.81
CA VAL B 321 19.50 9.77 3.00
C VAL B 321 18.36 9.12 3.78
N VAL B 322 17.22 8.93 3.10
CA VAL B 322 16.07 8.21 3.71
C VAL B 322 15.75 7.01 2.80
N ILE B 323 15.72 5.84 3.42
CA ILE B 323 15.28 4.55 2.81
C ILE B 323 13.93 4.16 3.42
N THR B 324 12.95 3.87 2.58
CA THR B 324 11.67 3.30 3.01
C THR B 324 11.74 1.78 2.86
N ALA B 325 11.40 1.04 3.91
CA ALA B 325 11.58 -0.43 3.98
C ALA B 325 10.30 -1.19 4.41
N THR B 326 10.16 -2.40 3.86
CA THR B 326 9.47 -3.59 4.45
C THR B 326 8.08 -3.76 3.85
N ASN B 327 7.78 -4.94 3.27
CA ASN B 327 6.44 -5.30 2.73
C ASN B 327 6.09 -4.51 1.45
N MET B 328 7.06 -3.80 0.87
CA MET B 328 6.81 -2.91 -0.30
C MET B 328 6.26 -3.70 -1.48
N LEU B 329 6.83 -4.88 -1.79
CA LEU B 329 6.25 -5.81 -2.79
C LEU B 329 6.09 -7.24 -2.21
N GLU B 330 5.58 -7.34 -0.99
CA GLU B 330 5.53 -8.60 -0.18
C GLU B 330 5.03 -9.79 -1.02
N THR B 331 3.87 -9.65 -1.63
CA THR B 331 3.19 -10.70 -2.45
C THR B 331 4.14 -11.30 -3.47
N MET B 332 5.08 -10.52 -4.03
CA MET B 332 5.99 -11.05 -5.06
C MET B 332 7.03 -12.01 -4.43
N THR B 333 7.00 -12.21 -3.11
CA THR B 333 7.65 -13.40 -2.48
C THR B 333 7.16 -14.67 -3.20
N GLU B 334 5.86 -14.79 -3.46
CA GLU B 334 5.20 -16.04 -3.96
C GLU B 334 4.64 -15.83 -5.36
N LYS B 335 4.42 -14.60 -5.83
CA LYS B 335 3.69 -14.40 -7.11
C LYS B 335 4.45 -13.47 -8.03
N PRO B 336 4.25 -13.61 -9.36
CA PRO B 336 4.97 -12.80 -10.31
C PRO B 336 4.52 -11.33 -10.42
N ARG B 337 3.38 -10.97 -9.83
CA ARG B 337 2.77 -9.62 -9.94
C ARG B 337 2.42 -9.18 -8.52
N ALA B 338 2.71 -7.93 -8.16
CA ALA B 338 2.36 -7.38 -6.82
C ALA B 338 0.86 -7.02 -6.76
N THR B 339 0.35 -6.86 -5.55
CA THR B 339 -1.01 -6.36 -5.31
C THR B 339 -1.05 -4.86 -5.62
N ARG B 340 -2.26 -4.35 -5.69
CA ARG B 340 -2.54 -2.95 -6.04
C ARG B 340 -2.12 -2.06 -4.87
N SER B 341 -2.22 -2.56 -3.64
CA SER B 341 -1.78 -1.84 -2.41
C SER B 341 -0.25 -1.71 -2.35
N GLU B 342 0.49 -2.71 -2.84
CA GLU B 342 1.98 -2.73 -2.88
C GLU B 342 2.44 -1.73 -3.93
N VAL B 343 1.90 -1.78 -5.15
CA VAL B 343 2.27 -0.81 -6.20
C VAL B 343 1.99 0.60 -5.65
N SER B 344 0.85 0.79 -4.98
CA SER B 344 0.47 2.09 -4.39
C SER B 344 1.55 2.54 -3.39
N ASP B 345 1.97 1.63 -2.50
CA ASP B 345 2.91 1.93 -1.38
C ASP B 345 4.27 2.38 -1.95
N VAL B 346 4.79 1.69 -2.97
CA VAL B 346 6.10 2.05 -3.57
C VAL B 346 5.93 3.46 -4.19
N PHE B 347 4.91 3.63 -5.03
CA PHE B 347 4.58 4.89 -5.73
C PHE B 347 4.55 6.04 -4.74
N ASN B 348 3.82 5.87 -3.64
CA ASN B 348 3.60 6.92 -2.62
C ASN B 348 4.87 7.20 -1.82
N ALA B 349 5.76 6.23 -1.63
CA ALA B 349 7.07 6.45 -0.97
C ALA B 349 7.90 7.46 -1.77
N VAL B 350 7.97 7.27 -3.10
CA VAL B 350 8.63 8.18 -4.06
C VAL B 350 8.00 9.59 -3.98
N ILE B 351 6.67 9.69 -4.03
CA ILE B 351 5.96 11.00 -3.95
C ILE B 351 6.27 11.66 -2.59
N ASP B 352 6.26 10.92 -1.50
CA ASP B 352 6.61 11.46 -0.15
C ASP B 352 8.01 12.09 -0.17
N GLY B 353 8.90 11.60 -1.07
CA GLY B 353 10.26 12.12 -1.28
C GLY B 353 11.39 11.17 -0.85
N THR B 354 11.16 9.86 -0.75
CA THR B 354 12.19 8.91 -0.27
C THR B 354 13.37 8.94 -1.24
N ASP B 355 14.59 8.82 -0.73
CA ASP B 355 15.81 8.67 -1.58
C ASP B 355 15.79 7.26 -2.16
N ALA B 356 15.38 6.29 -1.35
CA ALA B 356 15.49 4.86 -1.73
C ALA B 356 14.29 4.05 -1.26
N THR B 357 13.95 3.00 -2.02
CA THR B 357 12.95 1.96 -1.67
C THR B 357 13.70 0.65 -1.41
N MET B 358 13.21 -0.22 -0.52
CA MET B 358 13.92 -1.45 -0.14
C MET B 358 13.08 -2.70 -0.43
N LEU B 359 13.75 -3.78 -0.85
CA LEU B 359 13.22 -5.17 -0.83
C LEU B 359 13.98 -5.99 0.25
N SER B 360 13.26 -6.79 1.03
CA SER B 360 13.80 -7.76 2.02
C SER B 360 13.59 -9.19 1.53
N GLY B 361 12.61 -9.90 2.09
CA GLY B 361 12.31 -11.28 1.65
C GLY B 361 12.13 -11.37 0.15
N GLU B 362 11.60 -10.32 -0.47
CA GLU B 362 11.23 -10.32 -1.91
C GLU B 362 12.45 -10.72 -2.73
N SER B 363 13.62 -10.11 -2.45
CA SER B 363 14.89 -10.34 -3.19
C SER B 363 15.72 -11.45 -2.50
N ALA B 364 15.63 -11.58 -1.19
CA ALA B 364 16.52 -12.45 -0.36
C ALA B 364 16.04 -13.91 -0.45
N ASN B 365 14.72 -14.09 -0.39
CA ASN B 365 14.04 -15.31 0.10
C ASN B 365 12.94 -15.83 -0.84
N GLY B 366 12.46 -15.08 -1.84
CA GLY B 366 11.27 -15.48 -2.61
C GLY B 366 11.61 -16.11 -3.95
N LYS B 367 10.58 -16.40 -4.75
CA LYS B 367 10.69 -17.10 -6.06
C LYS B 367 10.92 -16.11 -7.18
N TYR B 368 10.81 -14.78 -6.96
CA TYR B 368 10.92 -13.81 -8.09
C TYR B 368 11.79 -12.61 -7.68
N PRO B 369 13.03 -12.83 -7.21
CA PRO B 369 13.89 -11.71 -6.81
C PRO B 369 14.19 -10.74 -7.96
N LEU B 370 14.59 -11.24 -9.12
CA LEU B 370 14.87 -10.34 -10.26
C LEU B 370 13.60 -9.55 -10.59
N GLU B 371 12.45 -10.23 -10.65
CA GLU B 371 11.16 -9.64 -11.08
C GLU B 371 10.81 -8.57 -10.02
N SER B 372 11.06 -8.85 -8.76
CA SER B 372 10.83 -7.89 -7.65
C SER B 372 11.60 -6.61 -7.92
N VAL B 373 12.85 -6.74 -8.37
CA VAL B 373 13.73 -5.55 -8.57
C VAL B 373 13.23 -4.77 -9.79
N THR B 374 12.98 -5.46 -10.89
CA THR B 374 12.43 -4.89 -12.15
C THR B 374 11.12 -4.14 -11.84
N THR B 375 10.27 -4.73 -11.00
CA THR B 375 8.92 -4.20 -10.72
C THR B 375 9.09 -2.93 -9.90
N MET B 376 9.95 -2.96 -8.91
CA MET B 376 10.16 -1.79 -8.05
C MET B 376 10.77 -0.68 -8.92
N ALA B 377 11.65 -1.05 -9.86
CA ALA B 377 12.33 -0.07 -10.72
C ALA B 377 11.27 0.65 -11.58
N THR B 378 10.38 -0.14 -12.20
CA THR B 378 9.31 0.34 -13.09
C THR B 378 8.40 1.31 -12.31
N ILE B 379 7.99 0.94 -11.09
CA ILE B 379 7.11 1.81 -10.27
C ILE B 379 7.87 3.10 -9.96
N ASP B 380 9.10 2.99 -9.45
CA ASP B 380 9.92 4.15 -9.02
C ASP B 380 10.16 5.10 -10.20
N LYS B 381 10.41 4.55 -11.39
CA LYS B 381 10.66 5.39 -12.58
C LYS B 381 9.36 6.11 -12.93
N ASN B 382 8.21 5.46 -12.83
CA ASN B 382 6.93 6.11 -13.21
C ASN B 382 6.64 7.22 -12.18
N ALA B 383 6.84 6.95 -10.90
CA ALA B 383 6.48 7.91 -9.82
C ALA B 383 7.34 9.16 -9.93
N GLN B 384 8.57 9.01 -10.43
CA GLN B 384 9.55 10.13 -10.46
C GLN B 384 9.00 11.16 -11.47
N ALA B 385 8.34 10.69 -12.53
CA ALA B 385 7.77 11.56 -13.60
C ALA B 385 6.66 12.41 -13.00
N LEU B 386 6.13 12.06 -11.84
CA LEU B 386 5.00 12.80 -11.23
C LEU B 386 5.38 13.59 -9.98
N LEU B 387 6.68 13.83 -9.73
CA LEU B 387 7.11 14.55 -8.49
C LEU B 387 6.79 16.04 -8.64
N ASN B 388 6.93 16.60 -9.84
CA ASN B 388 6.53 18.01 -10.12
C ASN B 388 5.08 18.24 -9.71
N GLU B 389 4.19 17.38 -10.19
CA GLU B 389 2.74 17.49 -9.92
C GLU B 389 2.46 17.25 -8.44
N TYR B 390 2.89 16.14 -7.84
CA TYR B 390 2.35 15.64 -6.55
C TYR B 390 3.41 15.69 -5.45
N GLY B 391 4.69 15.88 -5.77
CA GLY B 391 5.77 15.66 -4.80
C GLY B 391 5.54 16.43 -3.52
N ARG B 392 5.80 15.84 -2.36
CA ARG B 392 5.58 16.51 -1.05
C ARG B 392 6.76 17.38 -0.63
N LEU B 393 7.99 17.08 -1.08
CA LEU B 393 9.18 17.83 -0.60
C LEU B 393 9.13 19.22 -1.19
N ASP B 394 9.55 20.23 -0.41
CA ASP B 394 9.56 21.64 -0.89
C ASP B 394 10.92 22.29 -0.63
N SER B 395 11.80 22.35 -1.63
CA SER B 395 13.16 22.95 -1.47
C SER B 395 13.09 24.47 -1.29
N ASP B 396 12.05 25.14 -1.81
CA ASP B 396 11.84 26.61 -1.61
C ASP B 396 11.82 26.98 -0.12
N SER B 397 11.49 26.05 0.79
CA SER B 397 11.39 26.34 2.25
C SER B 397 12.76 26.23 2.96
N PHE B 398 13.80 25.65 2.35
CA PHE B 398 15.10 25.47 3.05
C PHE B 398 15.84 26.79 3.25
N GLU B 399 16.52 26.91 4.39
CA GLU B 399 17.59 27.90 4.59
C GLU B 399 18.82 27.39 3.84
N ARG B 400 19.42 28.23 2.99
CA ARG B 400 20.69 27.89 2.28
C ARG B 400 21.81 28.25 3.25
N ASN B 401 22.44 27.26 3.88
CA ASN B 401 23.25 27.49 5.10
C ASN B 401 24.74 27.54 4.78
N SER B 402 25.10 27.48 3.51
CA SER B 402 26.51 27.51 3.07
C SER B 402 26.55 27.85 1.58
N LYS B 403 27.72 28.25 1.11
CA LYS B 403 27.95 28.66 -0.29
C LYS B 403 27.78 27.45 -1.22
N THR B 404 28.15 26.23 -0.80
CA THR B 404 27.88 25.02 -1.64
C THR B 404 26.34 24.87 -1.76
N GLU B 405 25.63 25.09 -0.67
CA GLU B 405 24.16 24.91 -0.68
C GLU B 405 23.55 26.01 -1.56
N VAL B 406 24.06 27.25 -1.47
CA VAL B 406 23.62 28.36 -2.39
C VAL B 406 23.72 27.86 -3.84
N MET B 407 24.81 27.19 -4.16
CA MET B 407 25.04 26.70 -5.53
C MET B 407 24.05 25.59 -5.86
N ALA B 408 23.77 24.64 -4.96
CA ALA B 408 22.78 23.57 -5.19
C ALA B 408 21.40 24.20 -5.50
N SER B 409 21.05 25.26 -4.80
CA SER B 409 19.83 26.07 -5.06
C SER B 409 19.87 26.65 -6.48
N ALA B 410 20.98 27.26 -6.91
CA ALA B 410 21.07 27.87 -8.26
C ALA B 410 20.98 26.78 -9.33
N VAL B 411 21.51 25.61 -9.05
CA VAL B 411 21.42 24.44 -9.98
C VAL B 411 19.95 24.05 -10.13
N LYS B 412 19.23 23.89 -9.02
CA LYS B 412 17.78 23.58 -9.03
C LYS B 412 17.06 24.66 -9.87
N ASP B 413 17.31 25.93 -9.61
CA ASP B 413 16.75 27.04 -10.44
C ASP B 413 17.01 26.84 -11.96
N ALA B 414 18.25 26.60 -12.38
CA ALA B 414 18.59 26.37 -13.80
C ALA B 414 17.77 25.20 -14.36
N THR B 415 17.62 24.11 -13.62
CA THR B 415 16.83 22.92 -14.05
C THR B 415 15.33 23.23 -14.09
N SER B 416 14.86 24.22 -13.36
CA SER B 416 13.45 24.69 -13.41
C SER B 416 13.24 25.68 -14.56
N SER B 417 14.23 26.50 -14.92
CA SER B 417 14.11 27.60 -15.91
C SER B 417 14.14 27.05 -17.34
N MET B 418 14.78 25.89 -17.57
CA MET B 418 14.97 25.30 -18.93
C MET B 418 15.15 23.78 -18.83
N ASP B 419 15.08 23.08 -19.96
CA ASP B 419 15.22 21.62 -20.06
C ASP B 419 16.69 21.25 -19.82
N ILE B 420 17.03 20.73 -18.65
CA ILE B 420 18.43 20.28 -18.39
C ILE B 420 18.51 18.76 -18.42
N LYS B 421 19.28 18.20 -19.35
CA LYS B 421 19.41 16.73 -19.49
C LYS B 421 20.15 16.21 -18.26
N LEU B 422 21.18 16.91 -17.80
CA LEU B 422 22.07 16.35 -16.75
C LEU B 422 22.72 17.48 -15.96
N VAL B 423 22.85 17.26 -14.66
CA VAL B 423 23.75 18.07 -13.79
C VAL B 423 25.02 17.24 -13.57
N VAL B 424 26.19 17.82 -13.76
CA VAL B 424 27.49 17.17 -13.44
C VAL B 424 28.17 17.93 -12.30
N THR B 425 28.53 17.24 -11.22
CA THR B 425 29.35 17.80 -10.13
C THR B 425 30.67 17.03 -10.08
N LEU B 426 31.80 17.74 -10.08
CA LEU B 426 33.15 17.21 -9.74
C LEU B 426 33.32 17.38 -8.24
N THR B 427 33.28 16.28 -7.49
CA THR B 427 33.09 16.28 -6.01
C THR B 427 34.19 15.40 -5.39
N LYS B 428 34.94 15.93 -4.43
CA LYS B 428 36.08 15.23 -3.80
C LYS B 428 35.51 14.20 -2.84
N THR B 429 34.61 14.64 -1.96
CA THR B 429 34.01 13.84 -0.88
C THR B 429 32.52 13.57 -1.10
N GLY B 430 31.89 14.06 -2.17
CA GLY B 430 30.44 13.84 -2.41
C GLY B 430 29.56 14.95 -1.86
N HIS B 431 30.10 15.90 -1.09
CA HIS B 431 29.32 16.95 -0.39
C HIS B 431 28.42 17.71 -1.38
N THR B 432 28.95 18.08 -2.54
CA THR B 432 28.21 18.90 -3.53
C THR B 432 27.07 18.03 -4.10
N ALA B 433 27.35 16.77 -4.44
CA ALA B 433 26.35 15.81 -4.96
C ALA B 433 25.22 15.65 -3.94
N ARG B 434 25.55 15.54 -2.65
CA ARG B 434 24.54 15.40 -1.58
C ARG B 434 23.66 16.66 -1.53
N LEU B 435 24.23 17.86 -1.60
CA LEU B 435 23.39 19.09 -1.51
C LEU B 435 22.57 19.27 -2.79
N ILE B 436 23.11 18.90 -3.95
CA ILE B 436 22.32 18.95 -5.22
C ILE B 436 21.16 17.95 -5.12
N SER B 437 21.41 16.74 -4.66
CA SER B 437 20.40 15.68 -4.47
C SER B 437 19.29 16.18 -3.55
N LYS B 438 19.68 16.76 -2.42
CA LYS B 438 18.73 17.29 -1.41
C LYS B 438 17.70 18.19 -2.10
N TYR B 439 18.10 18.97 -3.12
CA TYR B 439 17.22 19.99 -3.75
C TYR B 439 16.32 19.32 -4.80
N ARG B 440 16.56 18.04 -5.13
CA ARG B 440 15.68 17.25 -6.05
C ARG B 440 15.56 18.02 -7.38
N PRO B 441 16.65 18.26 -8.11
CA PRO B 441 16.58 19.01 -9.37
C PRO B 441 15.79 18.17 -10.37
N ASN B 442 15.28 18.81 -11.41
CA ASN B 442 14.58 18.08 -12.51
C ASN B 442 15.64 17.62 -13.52
N ALA B 443 16.54 16.77 -13.05
CA ALA B 443 17.68 16.23 -13.84
C ALA B 443 18.37 15.14 -13.03
N ASP B 444 19.04 14.24 -13.75
CA ASP B 444 19.97 13.25 -13.18
C ASP B 444 21.25 14.00 -12.78
N ILE B 445 21.93 13.49 -11.76
CA ILE B 445 23.14 14.12 -11.15
C ILE B 445 24.32 13.17 -11.34
N LEU B 446 25.16 13.40 -12.35
CA LEU B 446 26.41 12.65 -12.55
C LEU B 446 27.46 13.20 -11.59
N ALA B 447 27.86 12.41 -10.59
CA ALA B 447 28.86 12.81 -9.57
C ALA B 447 30.21 12.19 -9.95
N LEU B 448 31.09 13.03 -10.54
CA LEU B 448 32.48 12.66 -10.86
C LEU B 448 33.33 12.85 -9.60
N THR B 449 33.77 11.73 -9.04
CA THR B 449 34.65 11.65 -7.86
C THR B 449 35.89 10.83 -8.21
N PHE B 450 36.85 10.79 -7.28
CA PHE B 450 38.26 10.42 -7.53
C PHE B 450 38.68 9.20 -6.68
N ASP B 451 37.78 8.61 -5.90
CA ASP B 451 38.04 7.29 -5.23
C ASP B 451 36.76 6.45 -5.09
N GLU B 452 36.93 5.13 -5.07
CA GLU B 452 35.84 4.12 -4.97
C GLU B 452 35.02 4.32 -3.70
N LEU B 453 35.61 4.74 -2.59
CA LEU B 453 34.81 4.87 -1.34
C LEU B 453 33.76 5.96 -1.53
N THR B 454 34.12 7.12 -2.07
CA THR B 454 33.16 8.22 -2.31
C THR B 454 32.14 7.77 -3.36
N GLU B 455 32.58 7.14 -4.45
CA GLU B 455 31.69 6.63 -5.52
C GLU B 455 30.60 5.73 -4.94
N ARG B 456 30.98 4.70 -4.16
CA ARG B 456 30.00 3.73 -3.57
C ARG B 456 29.15 4.41 -2.50
N GLY B 457 29.74 5.34 -1.76
CA GLY B 457 29.08 6.10 -0.68
C GLY B 457 27.94 6.98 -1.16
N LEU B 458 27.86 7.29 -2.45
CA LEU B 458 26.81 8.20 -3.00
C LEU B 458 25.66 7.40 -3.61
N MET B 459 25.68 6.08 -3.50
CA MET B 459 24.82 5.23 -4.36
C MET B 459 23.36 5.17 -3.84
N LEU B 460 23.08 5.69 -2.65
CA LEU B 460 21.71 5.77 -2.09
C LEU B 460 21.15 7.19 -2.12
N ASN B 461 21.89 8.18 -2.61
CA ASN B 461 21.39 9.57 -2.79
C ASN B 461 20.52 9.66 -4.04
N TRP B 462 19.34 10.20 -3.86
CA TRP B 462 18.33 10.44 -4.94
C TRP B 462 19.01 11.07 -6.14
N GLY B 463 18.77 10.49 -7.32
CA GLY B 463 19.20 11.03 -8.62
C GLY B 463 20.68 10.92 -8.92
N VAL B 464 21.53 10.53 -7.94
CA VAL B 464 23.02 10.59 -8.12
C VAL B 464 23.54 9.34 -8.85
N ILE B 465 24.21 9.57 -9.98
CA ILE B 465 24.93 8.53 -10.75
C ILE B 465 26.42 8.71 -10.45
N PRO B 466 27.00 7.93 -9.52
CA PRO B 466 28.41 8.09 -9.16
C PRO B 466 29.31 7.51 -10.27
N MET B 467 30.44 8.16 -10.52
CA MET B 467 31.40 7.68 -11.55
C MET B 467 32.81 8.05 -11.09
N LEU B 468 33.71 7.07 -11.11
CA LEU B 468 35.15 7.25 -10.77
C LEU B 468 35.84 7.89 -11.96
N THR B 469 36.68 8.88 -11.68
CA THR B 469 37.54 9.47 -12.73
C THR B 469 38.86 9.90 -12.07
N ASP B 470 39.86 10.24 -12.89
CA ASP B 470 41.17 10.73 -12.38
C ASP B 470 40.94 12.10 -11.72
N ALA B 471 41.60 12.32 -10.58
CA ALA B 471 41.64 13.62 -9.89
C ALA B 471 42.21 14.65 -10.86
N PRO B 472 41.54 15.79 -11.09
CA PRO B 472 42.02 16.73 -12.11
C PRO B 472 43.29 17.48 -11.67
N SER B 473 44.20 17.71 -12.61
CA SER B 473 45.38 18.61 -12.44
C SER B 473 44.93 20.07 -12.63
N SER B 474 45.76 20.99 -12.13
CA SER B 474 45.59 22.45 -12.25
C SER B 474 45.62 22.88 -13.73
N THR B 475 46.05 22.03 -14.66
CA THR B 475 46.08 22.39 -16.11
C THR B 475 44.90 21.77 -16.86
N ASP B 476 44.07 20.96 -16.21
CA ASP B 476 42.91 20.30 -16.87
C ASP B 476 41.74 21.28 -17.01
N ASP B 477 40.93 21.09 -18.05
CA ASP B 477 39.62 21.74 -18.25
C ASP B 477 38.53 20.80 -17.71
N MET B 478 38.04 21.07 -16.51
CA MET B 478 37.03 20.19 -15.83
C MET B 478 35.68 20.21 -16.54
N PHE B 479 35.33 21.29 -17.24
CA PHE B 479 34.08 21.40 -18.05
C PHE B 479 34.19 20.50 -19.28
N GLU B 480 35.38 20.38 -19.87
CA GLU B 480 35.59 19.41 -20.99
C GLU B 480 35.52 17.97 -20.43
N ILE B 481 36.08 17.72 -19.25
CA ILE B 481 36.07 16.39 -18.58
C ILE B 481 34.60 16.03 -18.25
N ALA B 482 33.84 16.96 -17.70
CA ALA B 482 32.41 16.74 -17.37
C ALA B 482 31.67 16.29 -18.64
N GLU B 483 31.80 17.05 -19.71
CA GLU B 483 31.09 16.76 -20.98
C GLU B 483 31.50 15.37 -21.47
N ARG B 484 32.80 15.11 -21.56
CA ARG B 484 33.30 13.87 -22.19
C ARG B 484 32.89 12.68 -21.33
N LYS B 485 32.94 12.79 -20.00
CA LYS B 485 32.51 11.67 -19.13
C LYS B 485 30.98 11.49 -19.25
N ALA B 486 30.23 12.57 -19.46
CA ALA B 486 28.77 12.45 -19.62
C ALA B 486 28.50 11.74 -20.94
N VAL B 487 29.18 12.11 -22.03
CA VAL B 487 29.01 11.45 -23.35
C VAL B 487 29.42 9.96 -23.25
N GLU B 488 30.59 9.67 -22.70
CA GLU B 488 31.10 8.27 -22.52
C GLU B 488 30.03 7.43 -21.84
N ALA B 489 29.41 7.92 -20.78
CA ALA B 489 28.47 7.14 -19.94
C ALA B 489 27.12 6.95 -20.63
N GLY B 490 26.90 7.59 -21.79
CA GLY B 490 25.67 7.48 -22.58
C GLY B 490 24.56 8.39 -22.08
N LEU B 491 24.84 9.38 -21.23
CA LEU B 491 23.77 10.14 -20.53
C LEU B 491 23.34 11.34 -21.37
N VAL B 492 24.13 11.75 -22.35
CA VAL B 492 23.86 12.98 -23.14
C VAL B 492 24.36 12.75 -24.57
N GLU B 493 23.82 13.52 -25.51
CA GLU B 493 24.30 13.57 -26.91
C GLU B 493 24.27 15.01 -27.40
N SER B 494 24.80 15.21 -28.61
CA SER B 494 24.88 16.51 -29.31
C SER B 494 23.60 17.29 -29.08
N GLY B 495 23.74 18.54 -28.64
CA GLY B 495 22.61 19.49 -28.55
C GLY B 495 21.97 19.55 -27.17
N ASP B 496 22.18 18.55 -26.32
CA ASP B 496 21.68 18.54 -24.92
C ASP B 496 22.37 19.67 -24.16
N ASP B 497 21.63 20.28 -23.23
CA ASP B 497 22.12 21.33 -22.30
C ASP B 497 22.41 20.66 -20.96
N ILE B 498 23.58 20.94 -20.37
CA ILE B 498 23.96 20.37 -19.05
C ILE B 498 24.43 21.51 -18.17
N VAL B 499 24.31 21.29 -16.87
CA VAL B 499 24.79 22.24 -15.84
C VAL B 499 25.96 21.51 -15.20
N ILE B 500 27.13 22.12 -15.19
CA ILE B 500 28.33 21.56 -14.52
C ILE B 500 28.74 22.50 -13.40
N VAL B 501 28.99 21.92 -12.23
CA VAL B 501 29.55 22.67 -11.07
C VAL B 501 30.90 22.07 -10.69
N ALA B 502 31.79 22.91 -10.17
CA ALA B 502 33.15 22.53 -9.75
C ALA B 502 33.74 23.62 -8.85
N GLY B 503 34.77 23.22 -8.11
CA GLY B 503 35.67 24.15 -7.39
C GLY B 503 36.76 24.59 -8.33
N VAL B 504 36.71 25.82 -8.86
CA VAL B 504 37.79 26.27 -9.78
C VAL B 504 38.55 27.45 -9.16
N PRO B 505 39.89 27.52 -9.35
CA PRO B 505 40.66 26.47 -10.03
C PRO B 505 41.03 25.34 -9.07
N VAL B 506 41.24 24.11 -9.57
CA VAL B 506 41.64 22.93 -8.74
C VAL B 506 42.81 23.33 -7.84
N GLY B 507 42.69 23.06 -6.55
CA GLY B 507 43.78 23.24 -5.57
C GLY B 507 43.99 24.70 -5.18
N GLU B 508 43.13 25.60 -5.63
CA GLU B 508 42.97 26.97 -5.08
C GLU B 508 41.56 27.13 -4.49
N ALA B 509 40.51 26.59 -5.13
CA ALA B 509 39.11 26.72 -4.65
C ALA B 509 38.95 25.97 -3.34
N VAL B 510 38.27 26.60 -2.37
CA VAL B 510 37.94 26.04 -1.04
C VAL B 510 36.74 25.06 -1.15
N ARG B 511 35.89 25.25 -2.18
CA ARG B 511 34.60 24.54 -2.35
C ARG B 511 34.10 24.68 -3.77
N THR B 512 32.98 24.01 -4.08
CA THR B 512 32.24 24.22 -5.34
C THR B 512 31.85 25.70 -5.44
N ASN B 513 32.36 26.40 -6.44
CA ASN B 513 32.18 27.87 -6.49
C ASN B 513 31.73 28.27 -7.89
N THR B 514 31.57 27.35 -8.82
CA THR B 514 31.37 27.69 -10.25
C THR B 514 30.24 26.83 -10.83
N MET B 515 29.38 27.48 -11.64
CA MET B 515 28.31 26.80 -12.42
C MET B 515 28.40 27.25 -13.88
N ARG B 516 28.35 26.28 -14.77
CA ARG B 516 28.54 26.46 -16.22
C ARG B 516 27.33 25.80 -16.87
N ILE B 517 26.68 26.51 -17.78
CA ILE B 517 25.62 25.93 -18.67
C ILE B 517 26.32 25.70 -19.99
N ARG B 518 26.32 24.46 -20.44
CA ARG B 518 27.07 24.00 -21.63
C ARG B 518 26.13 23.16 -22.50
N THR B 519 26.19 23.39 -23.80
CA THR B 519 25.55 22.54 -24.83
C THR B 519 26.59 21.50 -25.31
N VAL B 520 26.24 20.23 -25.26
CA VAL B 520 27.16 19.12 -25.64
C VAL B 520 27.51 19.27 -27.13
N ARG B 521 28.80 19.16 -27.48
CA ARG B 521 29.41 19.46 -28.81
C ARG B 521 28.64 18.69 -29.90
#